data_8IF3
#
_entry.id   8IF3
#
_cell.length_a   1.00
_cell.length_b   1.00
_cell.length_c   1.00
_cell.angle_alpha   90.00
_cell.angle_beta   90.00
_cell.angle_gamma   90.00
#
_symmetry.space_group_name_H-M   'P 1'
#
loop_
_entity.id
_entity.type
_entity.pdbx_description
1 polymer 'Voltage-dependent calcium channel subunit alpha-2/delta-1'
2 branched 2-acetamido-2-deoxy-beta-D-glucopyranose-(1-4)-2-acetamido-2-deoxy-beta-D-glucopyranose
3 non-polymer 2-acetamido-2-deoxy-beta-D-glucopyranose
4 non-polymer '2-[(1R,5S,6S)-6-(aminomethyl)-3-ethyl-6-bicyclo[3.2.0]hept-3-enyl]acetic acid'
#
_entity_poly.entity_id   1
_entity_poly.type   'polypeptide(L)'
_entity_poly.pdbx_seq_one_letter_code
;MAAGCLLALTLTLFQSLLIGPSSEEPFPSAVTIKSWVDKMQEDLVTLAKTASGVNQLVDIYEKYQDLYTVEPNNARQLVE
IAARDIEKLLSNRSKALVRLALEAEKVQAAHQWREDFASNEVVYYNAKDDLDPEKNDSEPGSQRIKPVFIEDANFGRQIS
YQHAAVHIPTDIYEGSTIVLNELNWTSALDEVFKKNREEDPSLLWQVFGSATGLARYYPASPWVDNSRTPNKIDLYDVRR
RPWYIQGAASPKDMLILVDVSGSVSGLTLKLIRTSVSEMLETLSDDDFVNVASFNSNAQDVSCFQHLVQANVRNKKVLKD
AVNNITAKGITDYKKGFSFAFEQLLNYNVSRANCNKIIMLFTDGGEERAQEIFNKYNKDKKVRVFTFSVGQHNYDRGPIQ
WMACENKGYYYEIPSIGAIRINTQEYLDVLGRPMVLAGDKAKQVQWTNVYLDALELGLVITGTLPVFNITGQFENKTNLK
NQLILGVMGVDVSLEDIKRLTPRFTLCPNGYYFAIDPNGYVLLHPNLQPKNPKSQEPVTLDFLDAELENDIKVEIRNKMI
DGESGEKTFRTLVKSQDERYIDKGNRTYTWTPVNGTDYSLALVLPTYSFYYIKAKLEETITQARSKKGKMKDSETLKPDN
FEESGYTFIAPRDYCNDLKISDNNTEFLLNFNEFIDRHHHHHHHHKTPNNPSCNADLINRVLLDAGFTNELVQNYWSKQK
NIKGVKARFVVTDGGITRVYPKEAGENWQENPETYEDSFYKRSLDNDNYVFTAPYFNKSGPGAYESGIMVSKAVEIYIQG
KLLKPAVVGIKIDVNSWIENFTKTSIRDPCAGPVCDCKRNSDVMDCVILDDGGFLLMANHDDYTNQIGRFFGEIDPSLMR
HLVNISVYAFNKSYDYQSVCEPGAAPKQGAGHRSAYVPSVADILQIGWWATAAAWSILQQFLLSLTFPRLLEAVEMEDDD
FTASLSKQSCITEQTQYFFDNDSKSFSGVLDCGNCSRIFHGEKLMNTNLIFIMVESKGTCPCDTRLLIQAEQTSDGPNPC
DMVKQPRYRKGPDVCFDNNVLEDYTDCGGVSGLNPSLWYIIGIQFLLLWLVSGSTHRLL
;
_entity_poly.pdbx_strand_id   A
#
# COMPACT_ATOMS: atom_id res chain seq x y z
N PHE A 27 -46.24 -18.82 12.05
CA PHE A 27 -45.40 -19.71 11.20
C PHE A 27 -46.32 -20.57 10.33
N PRO A 28 -46.88 -20.02 9.25
CA PRO A 28 -47.90 -20.74 8.48
C PRO A 28 -47.42 -22.05 7.87
N SER A 29 -46.45 -21.99 6.94
CA SER A 29 -46.02 -23.18 6.20
C SER A 29 -44.89 -22.82 5.25
N ALA A 30 -44.12 -23.83 4.84
CA ALA A 30 -43.08 -23.65 3.84
C ALA A 30 -43.65 -23.19 2.50
N VAL A 31 -44.78 -23.75 2.09
CA VAL A 31 -45.46 -23.34 0.86
C VAL A 31 -45.93 -21.87 0.93
N THR A 32 -46.42 -21.46 2.10
CA THR A 32 -46.84 -20.08 2.29
C THR A 32 -45.65 -19.12 2.20
N ILE A 33 -44.53 -19.51 2.82
CA ILE A 33 -43.31 -18.70 2.71
C ILE A 33 -42.83 -18.67 1.25
N LYS A 34 -42.97 -19.80 0.55
CA LYS A 34 -42.64 -19.85 -0.87
C LYS A 34 -43.46 -18.83 -1.66
N SER A 35 -44.77 -18.79 -1.42
CA SER A 35 -45.65 -17.86 -2.12
C SER A 35 -45.28 -16.40 -1.81
N TRP A 36 -45.02 -16.11 -0.53
CA TRP A 36 -44.67 -14.76 -0.13
C TRP A 36 -43.36 -14.31 -0.79
N VAL A 37 -42.36 -15.18 -0.77
CA VAL A 37 -41.07 -14.88 -1.38
C VAL A 37 -41.24 -14.70 -2.90
N ASP A 38 -42.04 -15.55 -3.54
CA ASP A 38 -42.26 -15.42 -4.97
C ASP A 38 -42.88 -14.07 -5.33
N LYS A 39 -43.92 -13.68 -4.58
CA LYS A 39 -44.55 -12.38 -4.82
C LYS A 39 -43.57 -11.23 -4.62
N MET A 40 -42.79 -11.27 -3.52
CA MET A 40 -41.85 -10.20 -3.24
C MET A 40 -40.76 -10.10 -4.30
N GLN A 41 -40.20 -11.24 -4.71
CA GLN A 41 -39.14 -11.25 -5.72
C GLN A 41 -39.68 -10.73 -7.05
N GLU A 42 -40.88 -11.16 -7.44
CA GLU A 42 -41.45 -10.72 -8.71
C GLU A 42 -41.64 -9.19 -8.69
N ASP A 43 -42.23 -8.69 -7.60
CA ASP A 43 -42.43 -7.24 -7.46
C ASP A 43 -41.10 -6.48 -7.54
N LEU A 44 -40.12 -6.87 -6.72
CA LEU A 44 -38.88 -6.11 -6.67
C LEU A 44 -38.14 -6.14 -8.00
N VAL A 45 -38.09 -7.32 -8.64
CA VAL A 45 -37.35 -7.45 -9.88
C VAL A 45 -38.05 -6.65 -10.97
N THR A 46 -39.39 -6.70 -11.04
CA THR A 46 -40.08 -5.99 -12.12
C THR A 46 -39.95 -4.48 -11.91
N LEU A 47 -40.05 -4.01 -10.65
CA LEU A 47 -39.88 -2.59 -10.38
C LEU A 47 -38.48 -2.12 -10.77
N ALA A 48 -37.44 -2.83 -10.32
CA ALA A 48 -36.05 -2.44 -10.64
C ALA A 48 -35.81 -2.44 -12.14
N LYS A 49 -36.25 -3.51 -12.83
CA LYS A 49 -36.05 -3.63 -14.25
C LYS A 49 -36.76 -2.49 -15.00
N THR A 50 -38.04 -2.24 -14.68
CA THR A 50 -38.82 -1.23 -15.38
C THR A 50 -38.27 0.17 -15.11
N ALA A 51 -37.97 0.48 -13.86
CA ALA A 51 -37.50 1.82 -13.52
C ALA A 51 -36.04 2.04 -13.91
N SER A 52 -35.27 0.99 -14.22
CA SER A 52 -33.88 1.14 -14.62
C SER A 52 -33.71 1.21 -16.14
N GLY A 53 -34.42 0.36 -16.88
CA GLY A 53 -34.30 0.30 -18.34
C GLY A 53 -32.96 -0.25 -18.83
N VAL A 54 -32.52 -1.35 -18.23
CA VAL A 54 -31.38 -2.11 -18.72
C VAL A 54 -31.62 -2.57 -20.17
N ASN A 55 -32.84 -3.00 -20.47
CA ASN A 55 -33.19 -3.38 -21.82
C ASN A 55 -33.03 -2.21 -22.79
N GLN A 56 -33.50 -1.02 -22.37
CA GLN A 56 -33.40 0.17 -23.20
C GLN A 56 -31.92 0.53 -23.45
N LEU A 57 -31.09 0.44 -22.41
CA LEU A 57 -29.68 0.81 -22.56
C LEU A 57 -28.95 -0.15 -23.50
N VAL A 58 -29.15 -1.46 -23.30
CA VAL A 58 -28.53 -2.44 -24.18
C VAL A 58 -29.05 -2.27 -25.61
N ASP A 59 -30.35 -1.96 -25.76
CA ASP A 59 -30.90 -1.71 -27.08
C ASP A 59 -30.24 -0.51 -27.76
N ILE A 60 -29.97 0.55 -27.01
CA ILE A 60 -29.29 1.73 -27.55
C ILE A 60 -27.89 1.33 -28.06
N TYR A 61 -27.14 0.63 -27.21
CA TYR A 61 -25.78 0.21 -27.58
C TYR A 61 -25.80 -0.64 -28.87
N GLU A 62 -26.60 -1.71 -28.85
CA GLU A 62 -26.65 -2.66 -29.97
C GLU A 62 -27.24 -2.05 -31.23
N LYS A 63 -28.15 -1.06 -31.10
CA LYS A 63 -28.72 -0.40 -32.27
C LYS A 63 -27.72 0.54 -32.93
N TYR A 64 -26.97 1.30 -32.12
CA TYR A 64 -25.93 2.15 -32.69
C TYR A 64 -24.87 1.30 -33.36
N GLN A 65 -24.08 0.56 -32.57
CA GLN A 65 -23.13 -0.43 -33.05
C GLN A 65 -22.23 0.04 -34.21
N ASP A 66 -22.07 1.34 -34.41
CA ASP A 66 -21.29 1.84 -35.54
C ASP A 66 -20.40 3.03 -35.18
N LEU A 67 -20.75 3.83 -34.16
CA LEU A 67 -19.85 4.89 -33.72
C LEU A 67 -18.77 4.39 -32.76
N TYR A 68 -18.74 3.09 -32.43
CA TYR A 68 -17.69 2.51 -31.61
C TYR A 68 -17.06 1.32 -32.32
N THR A 69 -16.01 0.77 -31.73
CA THR A 69 -15.31 -0.39 -32.25
C THR A 69 -14.64 -1.15 -31.11
N VAL A 70 -15.00 -2.42 -30.97
CA VAL A 70 -14.47 -3.30 -29.94
C VAL A 70 -13.07 -3.75 -30.36
N GLU A 71 -12.12 -3.70 -29.42
CA GLU A 71 -10.72 -4.01 -29.70
C GLU A 71 -10.20 -5.02 -28.70
N PRO A 72 -9.50 -6.08 -29.17
CA PRO A 72 -8.81 -7.00 -28.27
C PRO A 72 -7.87 -6.33 -27.26
N ASN A 73 -7.85 -6.87 -26.05
CA ASN A 73 -6.95 -6.46 -24.99
C ASN A 73 -6.01 -7.63 -24.72
N ASN A 74 -4.86 -7.66 -25.41
CA ASN A 74 -3.94 -8.78 -25.32
C ASN A 74 -3.07 -8.63 -24.07
N ALA A 75 -3.38 -9.41 -23.03
CA ALA A 75 -2.71 -9.29 -21.74
C ALA A 75 -1.19 -9.48 -21.85
N ARG A 76 -0.75 -10.49 -22.62
CA ARG A 76 0.67 -10.73 -22.79
C ARG A 76 1.37 -9.53 -23.43
N GLN A 77 0.78 -8.99 -24.52
CA GLN A 77 1.36 -7.86 -25.21
C GLN A 77 1.45 -6.63 -24.30
N LEU A 78 0.36 -6.32 -23.58
CA LEU A 78 0.35 -5.15 -22.70
C LEU A 78 1.35 -5.33 -21.55
N VAL A 79 1.46 -6.54 -21.02
CA VAL A 79 2.42 -6.80 -19.96
C VAL A 79 3.84 -6.54 -20.46
N GLU A 80 4.15 -7.07 -21.65
CA GLU A 80 5.47 -6.85 -22.25
C GLU A 80 5.75 -5.35 -22.47
N ILE A 81 4.77 -4.62 -23.02
CA ILE A 81 4.94 -3.20 -23.28
C ILE A 81 5.19 -2.40 -21.99
N ALA A 82 4.40 -2.66 -20.97
CA ALA A 82 4.59 -1.98 -19.70
C ALA A 82 5.95 -2.31 -19.09
N ALA A 83 6.37 -3.59 -19.19
CA ALA A 83 7.66 -3.99 -18.65
C ALA A 83 8.81 -3.26 -19.37
N ARG A 84 8.74 -3.17 -20.69
CA ARG A 84 9.77 -2.48 -21.45
C ARG A 84 9.81 -0.99 -21.08
N ASP A 85 8.63 -0.36 -20.95
CA ASP A 85 8.59 1.05 -20.59
C ASP A 85 9.15 1.33 -19.19
N ILE A 86 8.81 0.49 -18.23
CA ILE A 86 9.33 0.67 -16.87
C ILE A 86 10.83 0.42 -16.85
N GLU A 87 11.30 -0.56 -17.63
CA GLU A 87 12.74 -0.80 -17.75
C GLU A 87 13.45 0.44 -18.29
N LYS A 88 12.89 1.06 -19.34
CA LYS A 88 13.48 2.23 -19.96
C LYS A 88 13.55 3.40 -18.97
N LEU A 89 12.49 3.61 -18.21
CA LEU A 89 12.48 4.69 -17.23
C LEU A 89 13.56 4.48 -16.18
N LEU A 90 13.62 3.26 -15.61
CA LEU A 90 14.59 2.99 -14.57
C LEU A 90 16.02 3.06 -15.12
N SER A 91 16.22 2.68 -16.40
CA SER A 91 17.52 2.81 -17.02
C SER A 91 17.95 4.29 -17.13
N ASN A 92 17.02 5.16 -17.54
CA ASN A 92 17.28 6.58 -17.56
C ASN A 92 17.74 7.12 -16.20
N ARG A 93 17.01 6.76 -15.17
CA ARG A 93 17.40 7.17 -13.82
C ARG A 93 18.77 6.62 -13.41
N SER A 94 19.02 5.35 -13.74
CA SER A 94 20.33 4.79 -13.42
C SER A 94 21.48 5.50 -14.13
N LYS A 95 21.27 5.88 -15.41
CA LYS A 95 22.26 6.64 -16.14
C LYS A 95 22.59 7.98 -15.45
N ALA A 96 21.55 8.71 -15.08
CA ALA A 96 21.75 9.97 -14.39
C ALA A 96 22.54 9.80 -13.09
N LEU A 97 22.16 8.77 -12.33
CA LEU A 97 22.81 8.49 -11.06
C LEU A 97 24.28 8.15 -11.25
N VAL A 98 24.56 7.36 -12.31
CA VAL A 98 25.93 6.97 -12.62
C VAL A 98 26.80 8.19 -12.94
N ARG A 99 26.27 9.08 -13.79
CA ARG A 99 27.07 10.24 -14.19
C ARG A 99 27.34 11.14 -12.98
N LEU A 100 26.34 11.30 -12.13
CA LEU A 100 26.53 12.09 -10.92
C LEU A 100 27.63 11.50 -10.02
N ALA A 101 27.58 10.18 -9.82
CA ALA A 101 28.59 9.53 -8.98
C ALA A 101 30.00 9.69 -9.56
N LEU A 102 30.14 9.52 -10.89
CA LEU A 102 31.45 9.68 -11.52
C LEU A 102 32.00 11.10 -11.32
N GLU A 103 31.15 12.12 -11.56
CA GLU A 103 31.61 13.49 -11.39
C GLU A 103 32.04 13.75 -9.93
N ALA A 104 31.25 13.25 -8.98
CA ALA A 104 31.59 13.38 -7.56
C ALA A 104 32.96 12.78 -7.28
N GLU A 105 33.22 11.60 -7.86
CA GLU A 105 34.50 10.94 -7.67
C GLU A 105 35.66 11.78 -8.17
N LYS A 106 35.54 12.32 -9.39
CA LYS A 106 36.59 13.17 -9.94
C LYS A 106 36.85 14.40 -9.05
N VAL A 107 35.77 15.09 -8.65
CA VAL A 107 35.94 16.36 -7.95
C VAL A 107 36.55 16.12 -6.57
N GLN A 108 36.14 15.03 -5.89
CA GLN A 108 36.73 14.72 -4.59
C GLN A 108 38.17 14.26 -4.74
N ALA A 109 38.51 13.62 -5.87
CA ALA A 109 39.88 13.22 -6.14
C ALA A 109 40.79 14.44 -6.29
N ALA A 110 40.27 15.50 -6.93
CA ALA A 110 41.11 16.66 -7.24
C ALA A 110 40.88 17.83 -6.26
N HIS A 111 40.61 17.56 -4.97
CA HIS A 111 40.30 18.60 -4.01
C HIS A 111 41.53 18.93 -3.19
N GLN A 112 41.86 20.21 -3.09
CA GLN A 112 43.10 20.65 -2.47
C GLN A 112 43.01 20.72 -0.95
N TRP A 113 41.80 20.73 -0.36
CA TRP A 113 41.61 20.65 1.08
C TRP A 113 42.27 21.85 1.78
N ARG A 114 41.74 23.05 1.52
CA ARG A 114 42.14 24.26 2.21
C ARG A 114 41.59 24.32 3.63
N GLU A 115 42.12 25.28 4.41
CA GLU A 115 41.72 25.52 5.79
C GLU A 115 41.15 26.91 6.00
N ASP A 116 41.86 27.96 5.53
CA ASP A 116 41.44 29.33 5.75
C ASP A 116 40.46 29.74 4.67
N PHE A 117 39.19 29.93 5.07
CA PHE A 117 38.13 30.32 4.14
C PHE A 117 37.69 31.78 4.31
N ALA A 118 38.47 32.59 5.06
CA ALA A 118 38.11 33.99 5.26
C ALA A 118 38.14 34.78 3.94
N SER A 119 39.19 34.56 3.13
CA SER A 119 39.35 35.23 1.85
C SER A 119 38.21 34.90 0.89
N ASN A 120 37.84 33.62 0.79
CA ASN A 120 36.81 33.14 -0.11
C ASN A 120 35.59 32.73 0.71
N GLU A 121 34.66 33.67 0.89
CA GLU A 121 33.42 33.40 1.59
C GLU A 121 32.60 32.40 0.77
N VAL A 122 32.40 31.19 1.31
CA VAL A 122 31.72 30.14 0.58
C VAL A 122 30.26 30.54 0.38
N VAL A 123 29.78 30.45 -0.86
CA VAL A 123 28.45 30.89 -1.24
C VAL A 123 27.62 29.66 -1.57
N TYR A 124 26.51 29.49 -0.85
CA TYR A 124 25.61 28.36 -1.01
C TYR A 124 24.27 28.71 -0.38
N TYR A 125 23.18 28.15 -0.94
CA TYR A 125 21.86 28.40 -0.39
C TYR A 125 21.57 27.38 0.70
N ASN A 126 21.54 27.84 1.95
CA ASN A 126 21.17 27.00 3.08
C ASN A 126 19.68 27.11 3.31
N ALA A 127 18.96 25.97 3.16
CA ALA A 127 17.52 25.96 3.42
C ALA A 127 17.27 26.06 4.92
N LYS A 128 16.00 26.00 5.33
CA LYS A 128 15.58 26.02 6.73
C LYS A 128 16.04 27.30 7.45
N ASP A 129 16.53 28.30 6.71
CA ASP A 129 17.03 29.54 7.29
C ASP A 129 15.92 30.60 7.28
N ASP A 130 16.23 31.81 7.74
CA ASP A 130 15.36 32.96 7.60
C ASP A 130 15.35 33.51 6.17
N LEU A 131 14.50 32.93 5.32
CA LEU A 131 14.21 33.50 4.00
C LEU A 131 13.20 34.65 4.15
N ARG A 144 25.63 33.54 1.17
CA ARG A 144 24.39 32.75 0.85
C ARG A 144 23.56 33.49 -0.21
N ILE A 145 22.65 32.74 -0.84
CA ILE A 145 21.86 33.22 -1.97
C ILE A 145 20.48 33.63 -1.47
N LYS A 146 19.94 34.70 -2.08
CA LYS A 146 18.56 35.11 -1.93
C LYS A 146 17.80 34.59 -3.14
N PRO A 147 17.19 33.39 -3.08
CA PRO A 147 16.56 32.81 -4.27
C PRO A 147 15.22 33.44 -4.64
N VAL A 148 14.78 33.17 -5.87
CA VAL A 148 13.56 33.78 -6.41
C VAL A 148 12.34 32.94 -6.10
N PHE A 149 12.47 31.61 -6.18
CA PHE A 149 11.42 30.65 -5.81
C PHE A 149 10.14 30.83 -6.60
N ILE A 150 10.25 30.59 -7.90
CA ILE A 150 9.12 30.60 -8.81
C ILE A 150 8.30 29.31 -8.66
N GLU A 151 6.98 29.41 -8.74
CA GLU A 151 6.12 28.24 -8.73
C GLU A 151 6.19 27.52 -10.08
N ASP A 152 6.12 26.18 -10.03
CA ASP A 152 6.07 25.33 -11.20
C ASP A 152 5.19 24.13 -10.91
N ALA A 153 4.64 23.53 -11.97
CA ALA A 153 3.83 22.32 -11.86
C ALA A 153 4.71 21.13 -11.54
N ASN A 154 4.05 20.03 -11.12
CA ASN A 154 4.69 18.75 -10.78
C ASN A 154 5.52 18.89 -9.50
N PHE A 155 5.64 20.10 -8.96
CA PHE A 155 6.27 20.39 -7.70
C PHE A 155 5.38 21.42 -7.00
N GLY A 156 4.52 20.94 -6.09
CA GLY A 156 3.55 21.78 -5.40
C GLY A 156 4.14 23.00 -4.68
N ARG A 157 5.42 22.92 -4.30
CA ARG A 157 6.10 23.97 -3.56
C ARG A 157 6.87 24.88 -4.51
N GLN A 158 7.31 26.01 -3.97
CA GLN A 158 8.19 26.95 -4.67
C GLN A 158 9.58 26.33 -4.87
N ILE A 159 10.08 26.39 -6.13
CA ILE A 159 11.35 25.81 -6.51
C ILE A 159 12.20 26.83 -7.25
N SER A 160 13.49 26.55 -7.35
CA SER A 160 14.46 27.33 -8.11
C SER A 160 15.32 26.39 -8.95
N TYR A 161 15.82 26.87 -10.08
CA TYR A 161 16.65 26.05 -10.95
C TYR A 161 18.11 26.54 -11.08
N GLN A 162 18.36 27.81 -10.80
CA GLN A 162 19.69 28.37 -10.96
C GLN A 162 20.62 27.92 -9.82
N HIS A 163 20.06 27.58 -8.66
CA HIS A 163 20.85 27.19 -7.50
C HIS A 163 20.35 25.87 -6.95
N ALA A 164 21.24 25.16 -6.23
CA ALA A 164 20.88 23.98 -5.47
C ALA A 164 20.90 24.32 -3.98
N ALA A 165 20.13 23.53 -3.21
CA ALA A 165 19.92 23.75 -1.78
C ALA A 165 20.80 22.79 -0.99
N VAL A 166 21.24 23.25 0.20
CA VAL A 166 22.08 22.47 1.09
C VAL A 166 21.29 22.23 2.36
N HIS A 167 21.22 20.96 2.78
CA HIS A 167 20.58 20.57 4.03
C HIS A 167 21.63 20.26 5.06
N ILE A 168 21.40 20.74 6.28
CA ILE A 168 22.28 20.50 7.42
C ILE A 168 21.41 20.06 8.58
N PRO A 169 21.59 18.86 9.17
CA PRO A 169 21.07 18.58 10.50
C PRO A 169 21.48 19.62 11.54
N THR A 170 20.56 19.95 12.43
CA THR A 170 20.77 21.06 13.37
C THR A 170 21.95 20.78 14.32
N ASP A 171 22.15 19.53 14.71
CA ASP A 171 23.24 19.15 15.60
C ASP A 171 24.62 19.38 14.96
N ILE A 172 24.71 19.25 13.62
CA ILE A 172 25.98 19.45 12.93
C ILE A 172 26.29 20.94 12.89
N TYR A 173 27.51 21.29 13.29
CA TYR A 173 27.96 22.67 13.38
C TYR A 173 28.49 23.14 12.03
N GLU A 174 27.95 24.25 11.52
CA GLU A 174 28.51 24.94 10.37
C GLU A 174 29.58 25.93 10.80
N GLY A 175 30.37 26.38 9.81
CA GLY A 175 31.50 27.26 10.03
C GLY A 175 32.78 26.53 10.39
N SER A 176 32.74 25.19 10.60
CA SER A 176 33.95 24.40 10.76
C SER A 176 34.48 23.99 9.39
N THR A 177 35.81 23.91 9.29
CA THR A 177 36.46 23.44 8.07
C THR A 177 36.06 22.00 7.73
N ILE A 178 35.79 21.20 8.77
CA ILE A 178 35.45 19.79 8.61
C ILE A 178 34.22 19.61 7.73
N VAL A 179 33.30 20.56 7.74
CA VAL A 179 32.15 20.56 6.84
C VAL A 179 32.32 21.50 5.65
N LEU A 180 33.05 22.61 5.83
CA LEU A 180 33.19 23.57 4.74
C LEU A 180 33.99 23.02 3.57
N ASN A 181 34.93 22.09 3.82
CA ASN A 181 35.58 21.36 2.75
C ASN A 181 34.60 20.57 1.90
N GLU A 182 33.62 19.93 2.56
CA GLU A 182 32.56 19.21 1.86
C GLU A 182 31.71 20.18 1.03
N LEU A 183 31.35 21.32 1.63
CA LEU A 183 30.60 22.34 0.89
C LEU A 183 31.35 22.75 -0.38
N ASN A 184 32.65 23.03 -0.24
CA ASN A 184 33.48 23.33 -1.39
C ASN A 184 33.42 22.21 -2.45
N TRP A 185 33.91 21.02 -2.12
CA TRP A 185 34.09 20.01 -3.16
C TRP A 185 32.76 19.54 -3.75
N THR A 186 31.66 19.70 -3.01
CA THR A 186 30.33 19.41 -3.53
C THR A 186 29.68 20.60 -4.22
N SER A 187 30.31 21.78 -4.22
CA SER A 187 29.81 22.90 -5.00
C SER A 187 29.84 22.66 -6.53
N ALA A 188 30.61 21.69 -7.02
CA ALA A 188 30.72 21.40 -8.45
C ALA A 188 29.65 20.45 -9.00
N LEU A 189 28.77 19.90 -8.16
CA LEU A 189 27.75 18.96 -8.62
C LEU A 189 26.53 19.67 -9.23
N ASP A 190 26.42 21.00 -9.06
CA ASP A 190 25.28 21.75 -9.55
C ASP A 190 25.17 21.70 -11.08
N GLU A 191 26.32 21.75 -11.76
CA GLU A 191 26.35 21.69 -13.21
C GLU A 191 25.79 20.37 -13.72
N VAL A 192 26.16 19.27 -13.07
CA VAL A 192 25.70 17.96 -13.48
C VAL A 192 24.22 17.81 -13.16
N PHE A 193 23.78 18.37 -12.02
CA PHE A 193 22.36 18.42 -11.74
C PHE A 193 21.59 19.11 -12.88
N LYS A 194 22.07 20.28 -13.30
CA LYS A 194 21.42 21.04 -14.35
C LYS A 194 21.43 20.26 -15.66
N LYS A 195 22.55 19.59 -15.97
CA LYS A 195 22.65 18.82 -17.19
C LYS A 195 21.63 17.67 -17.21
N ASN A 196 21.51 16.97 -16.09
CA ASN A 196 20.53 15.91 -15.97
C ASN A 196 19.12 16.43 -16.22
N ARG A 197 18.76 17.50 -15.51
CA ARG A 197 17.42 18.06 -15.64
C ARG A 197 17.15 18.58 -17.05
N GLU A 198 18.18 19.11 -17.72
CA GLU A 198 18.01 19.63 -19.07
C GLU A 198 17.80 18.50 -20.08
N GLU A 199 18.67 17.48 -20.04
CA GLU A 199 18.55 16.37 -20.99
C GLU A 199 17.25 15.60 -20.80
N ASP A 200 16.88 15.34 -19.53
CA ASP A 200 15.62 14.67 -19.23
C ASP A 200 14.83 15.58 -18.30
N PRO A 201 13.80 16.30 -18.79
CA PRO A 201 13.02 17.17 -17.92
C PRO A 201 12.07 16.49 -16.94
N SER A 202 11.97 15.14 -16.96
CA SER A 202 11.04 14.41 -16.11
C SER A 202 11.63 13.95 -14.77
N LEU A 203 12.92 14.23 -14.49
CA LEU A 203 13.51 13.85 -13.21
C LEU A 203 12.78 14.57 -12.07
N LEU A 204 12.47 13.80 -11.02
CA LEU A 204 11.75 14.35 -9.88
C LEU A 204 12.75 15.04 -8.94
N TRP A 205 13.68 14.27 -8.38
CA TRP A 205 14.70 14.81 -7.49
C TRP A 205 16.00 14.08 -7.63
N GLN A 206 17.06 14.71 -7.12
CA GLN A 206 18.40 14.10 -7.13
C GLN A 206 19.22 14.74 -6.02
N VAL A 207 19.75 13.90 -5.10
CA VAL A 207 20.42 14.35 -3.90
C VAL A 207 21.74 13.62 -3.77
N PHE A 208 22.66 14.21 -3.00
CA PHE A 208 23.89 13.57 -2.60
C PHE A 208 24.00 13.65 -1.09
N GLY A 209 24.15 12.46 -0.46
CA GLY A 209 24.26 12.32 0.98
C GLY A 209 25.66 11.84 1.35
N SER A 210 26.41 12.63 2.14
CA SER A 210 27.76 12.28 2.55
C SER A 210 27.78 11.93 4.02
N ALA A 211 28.83 11.18 4.40
CA ALA A 211 29.04 10.80 5.79
C ALA A 211 29.17 12.00 6.73
N THR A 212 29.52 13.18 6.21
CA THR A 212 29.51 14.40 7.00
C THR A 212 28.10 14.76 7.51
N GLY A 213 27.09 14.61 6.67
CA GLY A 213 25.72 15.02 6.98
C GLY A 213 25.13 16.03 6.00
N LEU A 214 25.83 16.40 4.93
CA LEU A 214 25.29 17.27 3.90
C LEU A 214 24.27 16.52 3.03
N ALA A 215 23.39 17.31 2.41
CA ALA A 215 22.45 16.84 1.41
C ALA A 215 22.22 17.97 0.43
N ARG A 216 22.66 17.77 -0.82
CA ARG A 216 22.47 18.75 -1.87
C ARG A 216 21.49 18.20 -2.90
N TYR A 217 20.29 18.79 -2.95
CA TYR A 217 19.26 18.44 -3.91
C TYR A 217 19.05 19.61 -4.89
N TYR A 218 18.80 19.28 -6.16
CA TYR A 218 19.01 20.25 -7.22
C TYR A 218 17.93 21.35 -7.17
N PRO A 219 16.61 21.08 -7.42
CA PRO A 219 15.66 22.17 -7.66
C PRO A 219 15.35 22.84 -6.31
N ALA A 220 16.26 23.73 -5.90
CA ALA A 220 16.37 24.29 -4.55
C ALA A 220 15.02 24.79 -4.06
N SER A 221 14.52 24.15 -2.99
CA SER A 221 13.24 24.53 -2.38
C SER A 221 13.47 24.80 -0.89
N PRO A 222 12.70 25.70 -0.26
CA PRO A 222 12.85 25.88 1.19
C PRO A 222 12.45 24.59 1.91
N TRP A 223 13.08 24.35 3.05
CA TRP A 223 12.83 23.15 3.82
C TRP A 223 11.38 23.16 4.29
N VAL A 224 10.77 21.97 4.32
CA VAL A 224 9.34 21.87 4.56
C VAL A 224 8.96 22.40 5.95
N ASP A 225 9.88 22.27 6.92
CA ASP A 225 9.65 22.78 8.27
C ASP A 225 9.60 24.30 8.25
N ASN A 226 8.39 24.88 8.31
CA ASN A 226 8.23 26.33 8.30
C ASN A 226 8.60 26.93 9.66
N ILE A 233 10.58 20.88 16.11
CA ILE A 233 11.98 20.54 15.69
C ILE A 233 11.99 19.21 14.93
N ASP A 234 13.12 18.92 14.29
CA ASP A 234 13.24 17.80 13.34
C ASP A 234 14.48 17.00 13.69
N LEU A 235 14.31 15.68 13.85
CA LEU A 235 15.42 14.76 13.97
C LEU A 235 15.62 14.10 12.60
N TYR A 236 16.20 14.87 11.68
CA TYR A 236 16.46 14.40 10.31
C TYR A 236 17.96 14.38 10.08
N ASP A 237 18.52 13.16 9.96
CA ASP A 237 19.86 12.94 9.45
C ASP A 237 19.77 12.14 8.16
N VAL A 238 20.54 12.54 7.17
CA VAL A 238 20.52 11.90 5.87
C VAL A 238 21.08 10.50 6.00
N ARG A 239 22.07 10.30 6.90
CA ARG A 239 22.62 8.96 7.11
C ARG A 239 21.56 8.00 7.65
N ARG A 240 20.67 8.47 8.54
CA ARG A 240 19.64 7.63 9.16
C ARG A 240 18.40 7.56 8.27
N ARG A 241 18.57 7.05 7.06
CA ARG A 241 17.48 6.91 6.13
C ARG A 241 17.61 5.58 5.41
N PRO A 242 16.46 4.96 5.06
CA PRO A 242 16.49 3.71 4.33
C PRO A 242 17.28 3.77 3.03
N TRP A 243 17.13 4.82 2.27
CA TRP A 243 17.80 4.91 0.98
C TRP A 243 19.33 5.06 1.13
N TYR A 244 19.76 5.73 2.21
CA TYR A 244 21.17 5.80 2.53
C TYR A 244 21.70 4.42 2.97
N ILE A 245 20.98 3.79 3.90
CA ILE A 245 21.47 2.58 4.55
C ILE A 245 21.51 1.42 3.56
N GLN A 246 20.53 1.33 2.66
CA GLN A 246 20.53 0.25 1.69
C GLN A 246 21.80 0.25 0.83
N GLY A 247 22.16 1.45 0.33
CA GLY A 247 23.35 1.57 -0.50
C GLY A 247 24.68 1.59 0.26
N ALA A 248 24.65 1.92 1.57
CA ALA A 248 25.87 2.02 2.35
C ALA A 248 26.49 0.67 2.74
N ALA A 249 25.77 -0.47 2.59
CA ALA A 249 26.26 -1.77 3.00
C ALA A 249 25.50 -2.87 2.25
N SER A 250 25.69 -4.14 2.68
CA SER A 250 25.05 -5.30 2.10
C SER A 250 24.02 -5.92 3.06
N PRO A 251 23.05 -6.71 2.57
CA PRO A 251 22.12 -7.39 3.48
C PRO A 251 22.85 -8.33 4.44
N LYS A 252 22.35 -8.41 5.66
CA LYS A 252 23.07 -9.06 6.75
C LYS A 252 22.18 -10.05 7.51
N ASP A 253 22.78 -11.16 7.98
CA ASP A 253 22.17 -12.10 8.91
C ASP A 253 22.63 -11.74 10.32
N MET A 254 22.20 -10.57 10.76
CA MET A 254 22.64 -9.98 12.02
C MET A 254 21.95 -10.62 13.22
N LEU A 255 22.62 -10.57 14.37
CA LEU A 255 22.04 -10.96 15.65
C LEU A 255 22.38 -9.91 16.70
N ILE A 256 21.47 -9.76 17.68
CA ILE A 256 21.72 -8.97 18.87
C ILE A 256 21.79 -9.92 20.06
N LEU A 257 22.84 -9.75 20.85
CA LEU A 257 23.07 -10.56 22.04
C LEU A 257 23.15 -9.58 23.22
N VAL A 258 22.00 -9.31 23.84
CA VAL A 258 21.95 -8.32 24.91
C VAL A 258 22.50 -8.92 26.20
N ASP A 259 23.33 -8.16 26.90
CA ASP A 259 23.70 -8.50 28.27
C ASP A 259 22.53 -8.13 29.19
N VAL A 260 22.02 -9.11 29.93
CA VAL A 260 20.85 -8.94 30.76
C VAL A 260 21.15 -9.32 32.21
N SER A 261 22.42 -9.23 32.62
CA SER A 261 22.81 -9.54 33.98
C SER A 261 22.18 -8.53 34.96
N GLY A 262 22.28 -8.83 36.26
CA GLY A 262 21.75 -7.97 37.30
C GLY A 262 22.41 -6.59 37.38
N SER A 263 23.63 -6.44 36.82
CA SER A 263 24.33 -5.17 36.86
C SER A 263 23.86 -4.14 35.82
N VAL A 264 23.04 -4.54 34.83
CA VAL A 264 22.64 -3.64 33.75
C VAL A 264 21.20 -3.15 33.93
N SER A 265 20.69 -3.12 35.15
CA SER A 265 19.32 -2.70 35.43
C SER A 265 19.30 -1.20 35.76
N GLY A 266 18.27 -0.50 35.25
CA GLY A 266 18.00 0.89 35.54
C GLY A 266 18.20 1.84 34.36
N LEU A 267 19.02 2.90 34.57
CA LEU A 267 19.28 3.86 33.50
C LEU A 267 20.00 3.19 32.32
N THR A 268 21.00 2.37 32.62
CA THR A 268 21.65 1.57 31.60
C THR A 268 20.69 0.60 30.91
N LEU A 269 19.71 0.06 31.65
CA LEU A 269 18.73 -0.84 31.05
C LEU A 269 17.84 -0.10 30.04
N LYS A 270 17.32 1.06 30.44
CA LYS A 270 16.52 1.84 29.49
C LYS A 270 17.38 2.31 28.31
N LEU A 271 18.64 2.68 28.58
CA LEU A 271 19.56 3.07 27.52
C LEU A 271 19.77 1.92 26.52
N ILE A 272 20.00 0.70 27.02
CA ILE A 272 20.25 -0.46 26.16
C ILE A 272 18.97 -0.82 25.39
N ARG A 273 17.80 -0.69 26.02
CA ARG A 273 16.54 -0.95 25.33
C ARG A 273 16.36 0.03 24.18
N THR A 274 16.60 1.32 24.43
CA THR A 274 16.51 2.33 23.39
C THR A 274 17.51 2.06 22.26
N SER A 275 18.74 1.67 22.63
CA SER A 275 19.77 1.37 21.64
C SER A 275 19.38 0.18 20.76
N VAL A 276 18.83 -0.87 21.37
CA VAL A 276 18.37 -2.02 20.61
C VAL A 276 17.22 -1.65 19.69
N SER A 277 16.29 -0.83 20.20
CA SER A 277 15.17 -0.35 19.37
C SER A 277 15.68 0.42 18.15
N GLU A 278 16.65 1.32 18.35
CA GLU A 278 17.16 2.12 17.25
C GLU A 278 18.02 1.28 16.29
N MET A 279 18.71 0.25 16.79
CA MET A 279 19.41 -0.67 15.91
C MET A 279 18.44 -1.46 15.02
N LEU A 280 17.32 -1.92 15.62
CA LEU A 280 16.27 -2.54 14.83
C LEU A 280 15.74 -1.56 13.78
N GLU A 281 15.50 -0.30 14.17
CA GLU A 281 15.05 0.72 13.22
C GLU A 281 16.06 0.88 12.08
N THR A 282 17.34 0.87 12.40
CA THR A 282 18.40 0.92 11.40
C THR A 282 18.32 -0.28 10.44
N LEU A 283 17.96 -1.45 10.98
CA LEU A 283 17.85 -2.64 10.15
C LEU A 283 16.68 -2.54 9.16
N SER A 284 16.91 -3.05 7.95
CA SER A 284 15.95 -3.02 6.86
C SER A 284 15.06 -4.26 6.86
N ASP A 285 14.20 -4.36 5.85
CA ASP A 285 13.28 -5.47 5.68
C ASP A 285 13.83 -6.59 4.79
N ASP A 286 15.07 -6.48 4.32
CA ASP A 286 15.74 -7.57 3.60
C ASP A 286 16.81 -8.26 4.46
N ASP A 287 16.96 -7.85 5.72
CA ASP A 287 17.90 -8.47 6.63
C ASP A 287 17.16 -9.44 7.55
N PHE A 288 17.92 -10.17 8.38
CA PHE A 288 17.37 -11.11 9.33
C PHE A 288 18.05 -10.90 10.67
N VAL A 289 17.27 -10.97 11.75
CA VAL A 289 17.79 -10.70 13.07
C VAL A 289 17.02 -11.50 14.14
N ASN A 290 17.66 -11.81 15.25
CA ASN A 290 16.99 -12.10 16.51
C ASN A 290 17.72 -11.37 17.63
N VAL A 291 17.07 -11.28 18.79
CA VAL A 291 17.64 -10.73 19.99
C VAL A 291 17.55 -11.81 21.08
N ALA A 292 18.71 -12.29 21.53
CA ALA A 292 18.81 -13.14 22.70
C ALA A 292 19.50 -12.40 23.84
N SER A 293 19.02 -12.62 25.06
CA SER A 293 19.57 -12.01 26.26
C SER A 293 20.09 -13.12 27.17
N PHE A 294 21.40 -13.35 27.15
CA PHE A 294 22.00 -14.43 27.91
C PHE A 294 21.99 -14.11 29.41
N ASN A 295 21.44 -15.02 30.22
CA ASN A 295 21.41 -14.90 31.66
C ASN A 295 21.74 -16.27 32.25
N SER A 296 23.04 -16.53 32.44
CA SER A 296 23.58 -17.83 32.82
C SER A 296 23.30 -18.89 31.74
N ASN A 297 22.71 -18.46 30.62
CA ASN A 297 22.16 -19.33 29.60
C ASN A 297 21.57 -18.39 28.54
N ALA A 298 21.71 -18.77 27.27
CA ALA A 298 21.28 -17.96 26.15
C ALA A 298 19.81 -18.26 25.85
N GLN A 299 18.94 -17.68 26.70
CA GLN A 299 17.50 -17.69 26.44
C GLN A 299 17.18 -16.71 25.31
N ASP A 300 16.07 -16.97 24.61
CA ASP A 300 15.60 -16.09 23.54
C ASP A 300 14.55 -15.16 24.10
N VAL A 301 14.68 -13.87 23.81
CA VAL A 301 13.76 -12.86 24.32
C VAL A 301 12.36 -13.07 23.71
N SER A 302 12.32 -13.57 22.46
CA SER A 302 11.13 -13.62 21.64
C SER A 302 10.70 -15.07 21.42
N CYS A 303 9.69 -15.24 20.55
CA CYS A 303 9.06 -16.53 20.26
C CYS A 303 9.45 -17.09 18.89
N PHE A 304 10.66 -16.79 18.39
CA PHE A 304 11.05 -17.17 17.03
C PHE A 304 12.07 -18.31 16.99
N GLN A 305 13.14 -18.18 17.80
CA GLN A 305 14.18 -19.20 17.98
C GLN A 305 15.07 -19.38 16.73
N HIS A 306 14.81 -18.70 15.62
CA HIS A 306 15.67 -18.69 14.45
C HIS A 306 15.44 -17.40 13.68
N LEU A 307 16.36 -17.10 12.76
CA LEU A 307 16.37 -15.81 12.09
C LEU A 307 15.09 -15.61 11.28
N VAL A 308 14.54 -14.39 11.36
CA VAL A 308 13.28 -14.01 10.74
C VAL A 308 13.48 -12.80 9.85
N GLN A 309 12.52 -12.54 8.96
CA GLN A 309 12.65 -11.52 7.91
C GLN A 309 12.82 -10.11 8.46
N ALA A 310 12.48 -9.86 9.74
CA ALA A 310 12.58 -8.53 10.33
C ALA A 310 11.75 -7.50 9.54
N ASN A 311 10.59 -7.92 9.03
CA ASN A 311 9.61 -6.99 8.50
C ASN A 311 8.87 -6.34 9.67
N VAL A 312 8.01 -5.38 9.35
CA VAL A 312 7.35 -4.51 10.33
C VAL A 312 6.72 -5.27 11.51
N ARG A 313 6.04 -6.38 11.25
CA ARG A 313 5.35 -7.10 12.31
C ARG A 313 6.37 -7.75 13.26
N ASN A 314 7.41 -8.40 12.69
CA ASN A 314 8.48 -8.98 13.50
C ASN A 314 9.19 -7.91 14.30
N LYS A 315 9.42 -6.74 13.67
CA LYS A 315 10.06 -5.62 14.34
C LYS A 315 9.24 -5.20 15.56
N LYS A 316 7.91 -5.05 15.39
CA LYS A 316 7.04 -4.57 16.46
C LYS A 316 7.00 -5.59 17.61
N VAL A 317 6.83 -6.87 17.30
CA VAL A 317 6.78 -7.88 18.36
C VAL A 317 8.13 -7.96 19.09
N LEU A 318 9.23 -7.80 18.34
CA LEU A 318 10.55 -7.79 18.98
C LEU A 318 10.74 -6.54 19.87
N LYS A 319 10.20 -5.38 19.44
CA LYS A 319 10.22 -4.18 20.27
C LYS A 319 9.44 -4.41 21.57
N ASP A 320 8.28 -5.08 21.48
CA ASP A 320 7.53 -5.43 22.67
C ASP A 320 8.36 -6.33 23.59
N ALA A 321 8.99 -7.35 23.00
CA ALA A 321 9.79 -8.30 23.78
C ALA A 321 10.96 -7.59 24.48
N VAL A 322 11.65 -6.69 23.77
CA VAL A 322 12.78 -5.97 24.35
C VAL A 322 12.32 -4.85 25.29
N ASN A 323 11.04 -4.46 25.22
CA ASN A 323 10.46 -3.59 26.24
C ASN A 323 10.05 -4.36 27.48
N ASN A 324 9.89 -5.70 27.38
CA ASN A 324 9.54 -6.54 28.51
C ASN A 324 10.75 -7.30 29.07
N ILE A 325 11.92 -6.66 29.10
CA ILE A 325 13.15 -7.29 29.59
C ILE A 325 13.17 -7.25 31.12
N THR A 326 13.49 -8.39 31.71
CA THR A 326 13.81 -8.50 33.13
C THR A 326 15.28 -8.91 33.25
N ALA A 327 16.07 -8.11 34.00
CA ALA A 327 17.50 -8.32 34.13
C ALA A 327 17.83 -8.71 35.57
N LYS A 328 18.02 -10.02 35.82
CA LYS A 328 18.38 -10.53 37.12
C LYS A 328 19.22 -11.79 36.95
N GLY A 329 20.51 -11.72 37.28
CA GLY A 329 21.39 -12.86 37.24
C GLY A 329 22.82 -12.43 36.98
N ILE A 330 23.63 -13.34 36.40
CA ILE A 330 25.07 -13.15 36.19
C ILE A 330 25.37 -13.28 34.70
N THR A 331 26.66 -13.16 34.35
CA THR A 331 27.12 -13.11 32.97
C THR A 331 27.79 -14.44 32.61
N ASP A 332 27.44 -15.00 31.45
CA ASP A 332 28.11 -16.16 30.88
C ASP A 332 28.19 -16.03 29.36
N TYR A 333 29.34 -15.54 28.88
CA TYR A 333 29.56 -15.29 27.46
C TYR A 333 29.51 -16.55 26.60
N LYS A 334 30.19 -17.60 27.04
CA LYS A 334 30.36 -18.84 26.27
C LYS A 334 29.03 -19.36 25.70
N LYS A 335 28.02 -19.49 26.58
CA LYS A 335 26.70 -19.94 26.15
C LYS A 335 26.10 -19.00 25.09
N GLY A 336 26.27 -17.69 25.30
CA GLY A 336 25.70 -16.70 24.39
C GLY A 336 26.25 -16.84 22.97
N PHE A 337 27.57 -16.83 22.84
CA PHE A 337 28.18 -16.92 21.51
C PHE A 337 27.95 -18.31 20.91
N SER A 338 27.96 -19.38 21.73
CA SER A 338 27.68 -20.71 21.19
C SER A 338 26.27 -20.77 20.59
N PHE A 339 25.29 -20.22 21.33
CA PHE A 339 23.91 -20.18 20.86
C PHE A 339 23.78 -19.35 19.59
N ALA A 340 24.44 -18.19 19.56
CA ALA A 340 24.41 -17.31 18.40
C ALA A 340 25.03 -17.99 17.17
N PHE A 341 26.14 -18.73 17.37
CA PHE A 341 26.81 -19.40 16.26
C PHE A 341 25.99 -20.56 15.72
N GLU A 342 25.37 -21.35 16.59
CA GLU A 342 24.48 -22.40 16.10
C GLU A 342 23.19 -21.84 15.50
N GLN A 343 22.76 -20.62 15.88
CA GLN A 343 21.68 -19.97 15.14
C GLN A 343 22.16 -19.51 13.76
N LEU A 344 23.40 -19.02 13.67
CA LEU A 344 23.96 -18.56 12.41
C LEU A 344 24.38 -19.71 11.48
N LEU A 345 24.47 -20.94 12.00
CA LEU A 345 24.88 -22.10 11.22
C LEU A 345 23.69 -22.97 10.81
N ASN A 346 22.43 -22.46 10.90
CA ASN A 346 21.26 -23.28 10.65
C ASN A 346 21.27 -23.83 9.22
N TYR A 347 21.17 -22.95 8.23
CA TYR A 347 21.08 -23.33 6.81
C TYR A 347 19.95 -24.31 6.49
N ASN A 348 18.89 -24.31 7.31
CA ASN A 348 17.62 -24.99 7.01
C ASN A 348 16.48 -23.99 6.82
N VAL A 349 16.62 -22.74 7.27
CA VAL A 349 15.59 -21.73 7.25
C VAL A 349 15.86 -20.78 6.08
N SER A 350 14.87 -19.93 5.76
CA SER A 350 15.01 -18.92 4.73
C SER A 350 16.01 -17.84 5.17
N ARG A 351 17.12 -17.70 4.44
CA ARG A 351 18.11 -16.67 4.70
C ARG A 351 18.70 -16.20 3.37
N ALA A 352 19.38 -15.05 3.42
CA ALA A 352 20.01 -14.41 2.27
C ALA A 352 21.36 -15.02 1.89
N ASN A 353 22.03 -15.80 2.76
CA ASN A 353 23.38 -16.32 2.52
C ASN A 353 24.34 -15.16 2.24
N CYS A 354 24.47 -14.26 3.21
CA CYS A 354 25.16 -12.97 3.06
C CYS A 354 25.82 -12.62 4.40
N ASN A 355 26.09 -11.33 4.64
CA ASN A 355 27.03 -10.87 5.63
C ASN A 355 26.49 -11.13 7.04
N LYS A 356 26.71 -12.34 7.51
CA LYS A 356 26.34 -12.73 8.86
C LYS A 356 27.26 -12.06 9.88
N ILE A 357 26.67 -11.33 10.83
CA ILE A 357 27.40 -10.60 11.86
C ILE A 357 26.71 -10.83 13.19
N ILE A 358 27.40 -10.48 14.27
CA ILE A 358 26.87 -10.53 15.61
C ILE A 358 27.22 -9.24 16.30
N MET A 359 26.22 -8.62 16.94
CA MET A 359 26.45 -7.39 17.69
C MET A 359 26.17 -7.66 19.15
N LEU A 360 27.15 -7.30 20.00
CA LEU A 360 27.06 -7.52 21.43
C LEU A 360 26.79 -6.19 22.12
N PHE A 361 25.73 -6.17 22.95
CA PHE A 361 25.42 -5.06 23.82
C PHE A 361 25.77 -5.47 25.24
N THR A 362 26.85 -4.89 25.78
CA THR A 362 27.34 -5.27 27.10
C THR A 362 27.67 -4.03 27.91
N ASP A 363 27.74 -4.22 29.24
CA ASP A 363 28.22 -3.18 30.14
C ASP A 363 29.64 -3.48 30.62
N GLY A 364 29.85 -4.69 31.14
CA GLY A 364 31.17 -5.12 31.59
C GLY A 364 31.36 -6.62 31.38
N GLY A 365 32.44 -6.99 30.68
CA GLY A 365 32.71 -8.40 30.42
C GLY A 365 34.20 -8.67 30.22
N GLU A 366 34.74 -9.64 30.99
CA GLU A 366 36.16 -9.98 30.92
C GLU A 366 36.43 -11.34 30.29
N GLU A 367 35.40 -12.17 30.06
CA GLU A 367 35.60 -13.49 29.49
C GLU A 367 36.15 -13.34 28.06
N ARG A 368 37.26 -14.01 27.75
CA ARG A 368 37.77 -14.08 26.39
C ARG A 368 36.85 -14.87 25.45
N ALA A 369 36.23 -15.97 25.95
CA ALA A 369 35.44 -16.87 25.14
C ALA A 369 36.18 -17.26 23.84
N GLN A 370 37.45 -17.62 23.98
CA GLN A 370 38.34 -17.84 22.85
C GLN A 370 38.20 -19.27 22.32
N GLU A 371 37.59 -20.19 23.06
CA GLU A 371 37.32 -21.53 22.56
C GLU A 371 36.23 -21.55 21.50
N ILE A 372 35.40 -20.50 21.39
CA ILE A 372 34.43 -20.39 20.31
C ILE A 372 34.92 -19.47 19.18
N PHE A 373 36.00 -18.70 19.42
CA PHE A 373 36.57 -17.81 18.41
C PHE A 373 37.76 -18.42 17.68
N ASN A 374 38.73 -18.95 18.43
CA ASN A 374 39.96 -19.48 17.85
C ASN A 374 39.70 -20.67 16.92
N LYS A 375 38.80 -21.58 17.31
CA LYS A 375 38.59 -22.83 16.59
C LYS A 375 37.46 -22.70 15.57
N TYR A 376 36.25 -22.37 16.01
CA TYR A 376 35.08 -22.41 15.14
C TYR A 376 34.94 -21.11 14.32
N ASN A 377 36.02 -20.61 13.73
CA ASN A 377 35.98 -19.46 12.84
C ASN A 377 37.06 -19.55 11.75
N LYS A 378 37.39 -20.75 11.26
CA LYS A 378 38.27 -20.87 10.10
C LYS A 378 37.70 -20.18 8.87
N ASP A 379 36.38 -20.14 8.75
CA ASP A 379 35.72 -19.40 7.68
C ASP A 379 35.81 -17.89 7.91
N LYS A 380 36.01 -17.43 9.16
CA LYS A 380 36.20 -16.03 9.50
C LYS A 380 34.98 -15.20 9.05
N LYS A 381 33.79 -15.76 9.22
CA LYS A 381 32.55 -15.17 8.70
C LYS A 381 31.76 -14.42 9.76
N VAL A 382 32.34 -14.13 10.93
CA VAL A 382 31.65 -13.43 12.00
C VAL A 382 32.33 -12.08 12.21
N ARG A 383 31.53 -11.03 12.40
CA ARG A 383 32.01 -9.71 12.78
C ARG A 383 31.37 -9.33 14.11
N VAL A 384 32.16 -9.35 15.18
CA VAL A 384 31.65 -9.06 16.51
C VAL A 384 31.70 -7.55 16.76
N PHE A 385 30.53 -6.90 16.76
CA PHE A 385 30.43 -5.47 16.98
C PHE A 385 30.10 -5.22 18.45
N THR A 386 31.16 -5.14 19.26
CA THR A 386 30.98 -4.98 20.68
C THR A 386 30.66 -3.53 21.02
N PHE A 387 29.57 -3.31 21.76
CA PHE A 387 29.15 -1.99 22.23
C PHE A 387 29.48 -1.79 23.70
N SER A 388 29.36 -0.56 24.17
CA SER A 388 29.50 -0.21 25.58
C SER A 388 28.47 0.89 25.88
N VAL A 389 27.29 0.47 26.34
CA VAL A 389 26.19 1.39 26.62
C VAL A 389 26.23 1.73 28.10
N GLY A 390 26.04 3.03 28.40
CA GLY A 390 26.05 3.50 29.77
C GLY A 390 27.46 3.68 30.33
N GLN A 391 27.52 3.97 31.63
CA GLN A 391 28.75 4.26 32.35
C GLN A 391 29.05 3.09 33.28
N HIS A 392 30.32 2.65 33.30
CA HIS A 392 30.74 1.52 34.10
C HIS A 392 32.24 1.61 34.37
N ASN A 393 32.65 1.13 35.55
CA ASN A 393 34.04 1.08 35.96
C ASN A 393 34.77 -0.15 35.43
N TYR A 394 34.06 -1.10 34.82
CA TYR A 394 34.66 -2.32 34.31
C TYR A 394 35.62 -2.02 33.16
N ASP A 395 36.64 -2.86 33.02
CA ASP A 395 37.68 -2.65 32.05
C ASP A 395 37.14 -2.77 30.63
N ARG A 396 37.56 -1.84 29.76
CA ARG A 396 37.27 -1.90 28.33
C ARG A 396 38.22 -2.82 27.57
N GLY A 397 39.24 -3.39 28.24
CA GLY A 397 40.30 -4.12 27.58
C GLY A 397 39.80 -5.35 26.83
N PRO A 398 39.20 -6.35 27.52
CA PRO A 398 38.64 -7.51 26.82
C PRO A 398 37.58 -7.15 25.78
N ILE A 399 36.75 -6.13 26.08
CA ILE A 399 35.70 -5.70 25.16
C ILE A 399 36.32 -5.25 23.84
N GLN A 400 37.28 -4.32 23.92
CA GLN A 400 37.90 -3.77 22.71
C GLN A 400 38.72 -4.85 22.00
N TRP A 401 39.38 -5.73 22.77
CA TRP A 401 40.16 -6.80 22.18
C TRP A 401 39.28 -7.76 21.37
N MET A 402 38.15 -8.16 21.94
CA MET A 402 37.18 -9.00 21.23
C MET A 402 36.63 -8.27 20.00
N ALA A 403 36.38 -6.95 20.14
CA ALA A 403 35.85 -6.16 19.03
C ALA A 403 36.81 -6.14 17.84
N CYS A 404 38.09 -5.90 18.11
CA CYS A 404 39.07 -5.73 17.03
C CYS A 404 39.83 -7.01 16.68
N GLU A 405 39.55 -8.14 17.35
CA GLU A 405 40.12 -9.42 16.94
C GLU A 405 39.12 -10.31 16.17
N ASN A 406 37.85 -9.92 16.11
CA ASN A 406 36.81 -10.68 15.42
C ASN A 406 36.25 -9.92 14.23
N LYS A 407 37.11 -9.20 13.48
CA LYS A 407 36.77 -8.58 12.19
C LYS A 407 35.72 -7.46 12.30
N GLY A 408 35.42 -6.96 13.49
CA GLY A 408 34.35 -5.98 13.72
C GLY A 408 34.90 -4.62 14.15
N TYR A 409 34.17 -3.94 15.04
CA TYR A 409 34.56 -2.61 15.50
C TYR A 409 33.93 -2.34 16.85
N TYR A 410 34.52 -1.43 17.62
CA TYR A 410 34.09 -1.10 18.97
C TYR A 410 33.42 0.28 19.01
N TYR A 411 32.40 0.41 19.89
CA TYR A 411 31.66 1.65 20.06
C TYR A 411 31.48 1.92 21.55
N GLU A 412 31.27 3.20 21.88
CA GLU A 412 31.00 3.64 23.25
C GLU A 412 29.75 4.51 23.24
N ILE A 413 28.75 4.14 24.04
CA ILE A 413 27.47 4.84 24.11
C ILE A 413 27.32 5.40 25.51
N PRO A 414 27.60 6.70 25.75
CA PRO A 414 27.53 7.23 27.11
C PRO A 414 26.09 7.54 27.54
N SER A 415 25.27 8.12 26.64
CA SER A 415 23.94 8.58 26.99
C SER A 415 23.04 8.53 25.74
N ILE A 416 21.87 9.16 25.82
CA ILE A 416 20.92 9.17 24.72
C ILE A 416 21.40 10.03 23.55
N GLY A 417 22.32 10.97 23.79
CA GLY A 417 22.88 11.82 22.75
C GLY A 417 23.56 11.05 21.60
N ALA A 418 24.35 10.04 21.99
CA ALA A 418 25.15 9.29 21.02
C ALA A 418 24.39 8.12 20.38
N ILE A 419 23.20 7.76 20.86
CA ILE A 419 22.51 6.59 20.33
C ILE A 419 22.09 6.86 18.89
N ARG A 420 21.70 8.10 18.58
CA ARG A 420 21.26 8.42 17.22
C ARG A 420 22.44 8.49 16.26
N ILE A 421 23.63 8.85 16.74
CA ILE A 421 24.81 9.03 15.89
C ILE A 421 25.71 7.80 15.90
N ASN A 422 26.08 7.31 17.10
CA ASN A 422 27.08 6.26 17.24
C ASN A 422 26.49 4.85 17.04
N THR A 423 25.36 4.74 16.34
CA THR A 423 24.73 3.47 16.00
C THR A 423 24.96 3.09 14.53
N GLN A 424 25.03 4.08 13.63
CA GLN A 424 25.08 3.85 12.19
C GLN A 424 26.47 3.46 11.67
N GLU A 425 27.53 3.52 12.48
CA GLU A 425 28.89 3.36 11.97
C GLU A 425 29.21 1.92 11.52
N TYR A 426 28.41 0.92 11.90
CA TYR A 426 28.69 -0.45 11.46
C TYR A 426 28.55 -0.60 9.94
N LEU A 427 27.70 0.23 9.32
CA LEU A 427 27.57 0.21 7.87
C LEU A 427 28.88 0.61 7.18
N ASP A 428 29.62 1.56 7.76
CA ASP A 428 30.91 1.94 7.19
C ASP A 428 31.90 0.78 7.15
N VAL A 429 31.97 0.01 8.22
CA VAL A 429 32.88 -1.13 8.29
C VAL A 429 32.36 -2.35 7.54
N LEU A 430 31.05 -2.50 7.38
CA LEU A 430 30.53 -3.52 6.47
C LEU A 430 30.74 -3.16 5.01
N GLY A 431 30.93 -1.87 4.70
CA GLY A 431 31.20 -1.44 3.33
C GLY A 431 32.63 -1.66 2.85
N ARG A 432 33.56 -2.13 3.71
CA ARG A 432 34.94 -2.32 3.29
C ARG A 432 35.09 -3.32 2.15
N PRO A 433 34.55 -4.55 2.22
CA PRO A 433 34.53 -5.40 1.03
C PRO A 433 33.92 -4.77 -0.21
N MET A 434 32.88 -3.95 -0.03
CA MET A 434 32.23 -3.28 -1.15
C MET A 434 33.19 -2.29 -1.82
N VAL A 435 33.89 -1.47 -1.03
CA VAL A 435 34.81 -0.48 -1.60
C VAL A 435 36.01 -1.19 -2.24
N LEU A 436 36.46 -2.31 -1.65
CA LEU A 436 37.57 -3.06 -2.24
C LEU A 436 37.16 -3.74 -3.55
N ALA A 437 35.92 -4.23 -3.64
CA ALA A 437 35.42 -4.75 -4.90
C ALA A 437 35.35 -3.65 -5.96
N GLY A 438 34.83 -2.47 -5.57
CA GLY A 438 34.88 -1.29 -6.40
C GLY A 438 33.88 -1.34 -7.55
N ASP A 439 34.39 -1.50 -8.78
CA ASP A 439 33.54 -1.40 -9.97
C ASP A 439 32.48 -2.49 -10.01
N LYS A 440 32.86 -3.71 -9.60
CA LYS A 440 31.90 -4.80 -9.47
C LYS A 440 30.79 -4.47 -8.47
N ALA A 441 31.17 -3.85 -7.35
CA ALA A 441 30.22 -3.49 -6.29
C ALA A 441 29.36 -2.27 -6.67
N LYS A 442 29.79 -1.45 -7.64
CA LYS A 442 29.04 -0.26 -8.02
C LYS A 442 27.80 -0.65 -8.83
N GLN A 443 26.66 -0.87 -8.14
CA GLN A 443 25.40 -1.20 -8.80
C GLN A 443 24.26 -0.42 -8.16
N VAL A 444 23.24 -0.14 -8.98
CA VAL A 444 22.10 0.67 -8.58
C VAL A 444 21.06 -0.22 -7.89
N GLN A 445 20.60 0.20 -6.72
CA GLN A 445 19.67 -0.57 -5.91
C GLN A 445 18.45 0.29 -5.63
N TRP A 446 17.26 -0.22 -5.97
CA TRP A 446 16.01 0.49 -5.81
C TRP A 446 15.32 0.09 -4.52
N THR A 447 14.76 1.07 -3.81
CA THR A 447 14.13 0.78 -2.53
C THR A 447 12.64 0.44 -2.67
N ASN A 448 11.98 0.11 -1.57
CA ASN A 448 10.53 -0.05 -1.55
C ASN A 448 9.84 1.30 -1.54
N VAL A 449 8.53 1.30 -1.83
CA VAL A 449 7.74 2.51 -1.81
C VAL A 449 7.69 3.08 -0.39
N TYR A 450 7.83 4.39 -0.24
CA TYR A 450 7.81 5.01 1.07
C TYR A 450 7.34 6.45 0.95
N LEU A 451 6.94 7.03 2.07
CA LEU A 451 6.43 8.40 2.05
C LEU A 451 7.59 9.34 1.86
N ASP A 452 7.51 10.17 0.80
CA ASP A 452 8.54 11.15 0.51
C ASP A 452 8.65 12.14 1.67
N ALA A 453 9.87 12.55 1.98
CA ALA A 453 10.12 13.35 3.18
C ALA A 453 9.80 14.82 2.95
N LEU A 454 9.41 15.25 1.75
CA LEU A 454 9.00 16.62 1.51
C LEU A 454 7.69 16.70 0.72
N GLU A 455 6.75 15.81 1.01
CA GLU A 455 5.36 15.92 0.56
C GLU A 455 5.25 15.88 -0.96
N LEU A 456 5.65 14.76 -1.56
CA LEU A 456 5.32 14.43 -2.95
C LEU A 456 4.72 13.04 -3.10
N GLY A 457 4.43 12.35 -1.97
CA GLY A 457 3.65 11.13 -1.98
C GLY A 457 4.53 9.91 -1.85
N LEU A 458 4.26 8.90 -2.71
CA LEU A 458 4.95 7.62 -2.61
C LEU A 458 5.97 7.57 -3.73
N VAL A 459 7.22 7.28 -3.37
CA VAL A 459 8.35 7.38 -4.26
C VAL A 459 9.33 6.26 -3.93
N ILE A 460 9.94 5.64 -4.94
CA ILE A 460 11.11 4.78 -4.79
C ILE A 460 12.32 5.50 -5.33
N THR A 461 13.50 5.27 -4.76
CA THR A 461 14.73 5.94 -5.16
C THR A 461 15.88 4.98 -5.35
N GLY A 462 16.79 5.35 -6.26
CA GLY A 462 18.03 4.62 -6.49
C GLY A 462 19.10 5.03 -5.48
N THR A 463 20.22 4.31 -5.56
CA THR A 463 21.37 4.59 -4.71
C THR A 463 22.63 4.09 -5.39
N LEU A 464 23.75 4.82 -5.17
CA LEU A 464 25.08 4.41 -5.60
C LEU A 464 26.09 4.95 -4.61
N PRO A 465 27.04 4.13 -4.15
CA PRO A 465 28.07 4.62 -3.23
C PRO A 465 29.19 5.43 -3.90
N VAL A 466 29.77 6.35 -3.13
CA VAL A 466 30.84 7.23 -3.55
C VAL A 466 32.04 7.05 -2.62
N PHE A 467 33.24 6.88 -3.22
CA PHE A 467 34.46 6.51 -2.50
C PHE A 467 35.48 7.64 -2.49
N ASN A 468 36.63 7.42 -1.84
CA ASN A 468 37.89 8.04 -2.22
C ASN A 468 38.54 7.28 -3.38
N ILE A 469 38.02 7.42 -4.60
CA ILE A 469 38.81 7.11 -5.79
C ILE A 469 39.84 8.24 -5.95
N THR A 470 41.04 8.03 -5.44
CA THR A 470 42.10 9.04 -5.38
C THR A 470 43.44 8.40 -5.66
N GLY A 471 43.89 8.45 -6.92
CA GLY A 471 45.22 8.00 -7.28
C GLY A 471 45.40 6.49 -7.21
N GLN A 472 44.65 5.76 -8.04
CA GLN A 472 44.78 4.30 -8.13
C GLN A 472 45.67 3.87 -9.31
N PHE A 473 46.10 4.80 -10.16
CA PHE A 473 47.16 4.52 -11.12
C PHE A 473 48.48 4.17 -10.42
N GLU A 474 48.69 4.70 -9.21
CA GLU A 474 49.79 4.26 -8.36
C GLU A 474 49.34 3.47 -7.13
N ASN A 475 48.12 3.70 -6.62
CA ASN A 475 47.61 3.04 -5.42
C ASN A 475 48.54 3.33 -4.25
N LYS A 476 48.65 4.62 -3.91
CA LYS A 476 49.64 5.12 -2.96
C LYS A 476 49.33 4.67 -1.53
N THR A 477 48.20 5.13 -0.98
CA THR A 477 47.82 4.86 0.40
C THR A 477 46.76 3.78 0.49
N ASN A 478 45.58 4.04 -0.08
CA ASN A 478 44.41 3.17 0.02
C ASN A 478 44.06 2.86 1.48
N LEU A 479 44.28 3.83 2.38
CA LEU A 479 44.04 3.62 3.81
C LEU A 479 42.66 4.15 4.23
N LYS A 480 42.29 5.34 3.76
CA LYS A 480 40.97 5.92 4.03
C LYS A 480 40.01 5.71 2.86
N ASN A 481 40.44 5.10 1.77
CA ASN A 481 39.55 4.68 0.70
C ASN A 481 38.52 3.65 1.17
N GLN A 482 38.80 2.95 2.28
CA GLN A 482 37.84 2.05 2.88
C GLN A 482 36.55 2.77 3.30
N LEU A 483 36.69 3.93 3.94
CA LEU A 483 35.53 4.70 4.36
C LEU A 483 34.79 5.24 3.14
N ILE A 484 33.47 5.08 3.15
CA ILE A 484 32.60 5.62 2.11
C ILE A 484 32.45 7.14 2.30
N LEU A 485 32.54 7.89 1.20
CA LEU A 485 32.23 9.32 1.25
C LEU A 485 30.74 9.56 1.44
N GLY A 486 29.92 8.80 0.70
CA GLY A 486 28.49 8.83 0.90
C GLY A 486 27.80 8.19 -0.31
N VAL A 487 26.49 8.39 -0.37
CA VAL A 487 25.67 7.86 -1.45
C VAL A 487 24.84 9.00 -2.03
N MET A 488 24.40 8.76 -3.26
CA MET A 488 23.48 9.69 -3.91
C MET A 488 22.40 8.91 -4.64
N GLY A 489 21.24 9.55 -4.81
CA GLY A 489 20.05 8.88 -5.31
C GLY A 489 19.13 9.83 -6.06
N VAL A 490 18.32 9.24 -6.94
CA VAL A 490 17.36 9.90 -7.76
C VAL A 490 16.01 9.27 -7.49
N ASP A 491 14.95 10.07 -7.45
CA ASP A 491 13.62 9.62 -7.03
C ASP A 491 12.68 9.47 -8.23
N VAL A 492 11.80 8.47 -8.18
CA VAL A 492 10.70 8.35 -9.12
C VAL A 492 9.41 8.10 -8.34
N SER A 493 8.35 8.86 -8.70
CA SER A 493 7.07 8.78 -8.02
C SER A 493 6.20 7.70 -8.64
N LEU A 494 5.32 7.11 -7.83
CA LEU A 494 4.39 6.11 -8.32
C LEU A 494 3.40 6.74 -9.30
N GLU A 495 3.20 8.06 -9.27
CA GLU A 495 2.44 8.70 -10.34
C GLU A 495 3.14 8.54 -11.69
N ASP A 496 4.47 8.69 -11.70
CA ASP A 496 5.23 8.51 -12.93
C ASP A 496 5.14 7.07 -13.44
N ILE A 497 5.21 6.10 -12.53
CA ILE A 497 5.07 4.70 -12.89
C ILE A 497 3.67 4.42 -13.44
N LYS A 498 2.64 4.90 -12.75
CA LYS A 498 1.26 4.68 -13.17
C LYS A 498 0.94 5.41 -14.46
N ARG A 499 1.66 6.47 -14.83
CA ARG A 499 1.51 7.07 -16.15
C ARG A 499 1.84 6.07 -17.27
N LEU A 500 2.71 5.09 -16.98
CA LEU A 500 2.99 4.00 -17.90
C LEU A 500 1.96 2.88 -17.84
N THR A 501 0.96 3.01 -16.97
CA THR A 501 -0.09 2.01 -16.80
C THR A 501 -1.43 2.61 -17.27
N PRO A 502 -1.88 2.34 -18.51
CA PRO A 502 -3.19 2.81 -18.96
C PRO A 502 -4.36 1.98 -18.39
N ARG A 503 -4.79 2.39 -17.19
CA ARG A 503 -5.87 1.73 -16.49
C ARG A 503 -7.26 2.05 -17.00
N PHE A 504 -7.42 2.99 -17.93
CA PHE A 504 -8.74 3.42 -18.39
C PHE A 504 -9.15 2.79 -19.72
N THR A 505 -8.40 1.80 -20.21
CA THR A 505 -8.73 1.11 -21.45
C THR A 505 -9.38 -0.24 -21.21
N LEU A 506 -9.77 -0.54 -19.97
CA LEU A 506 -10.35 -1.83 -19.60
C LEU A 506 -11.38 -1.59 -18.51
N CYS A 507 -12.02 -2.67 -18.05
CA CYS A 507 -13.06 -2.58 -17.03
C CYS A 507 -12.43 -2.18 -15.69
N PRO A 508 -13.19 -1.56 -14.78
CA PRO A 508 -12.64 -1.23 -13.46
C PRO A 508 -12.17 -2.42 -12.63
N ASN A 509 -12.68 -3.62 -12.92
CA ASN A 509 -12.21 -4.80 -12.23
C ASN A 509 -10.76 -5.14 -12.56
N GLY A 510 -10.38 -4.97 -13.84
CA GLY A 510 -9.01 -5.17 -14.28
C GLY A 510 -8.06 -4.14 -13.67
N TYR A 511 -6.81 -4.55 -13.41
CA TYR A 511 -5.80 -3.66 -12.88
C TYR A 511 -4.38 -4.19 -13.14
N TYR A 512 -3.38 -3.36 -12.89
CA TYR A 512 -1.98 -3.72 -12.95
C TYR A 512 -1.45 -3.80 -11.52
N PHE A 513 -0.56 -4.77 -11.28
CA PHE A 513 0.15 -4.82 -10.02
C PHE A 513 1.54 -5.43 -10.23
N ALA A 514 2.51 -4.91 -9.46
CA ALA A 514 3.90 -5.29 -9.61
C ALA A 514 4.45 -5.68 -8.26
N ILE A 515 5.37 -6.66 -8.27
CA ILE A 515 5.87 -7.29 -7.05
C ILE A 515 7.40 -7.35 -7.13
N ASP A 516 8.05 -7.33 -5.96
CA ASP A 516 9.49 -7.45 -5.83
C ASP A 516 9.87 -8.86 -5.34
N PRO A 517 11.15 -9.27 -5.46
CA PRO A 517 11.58 -10.56 -4.89
C PRO A 517 11.25 -10.84 -3.41
N ASN A 518 11.26 -9.76 -2.60
CA ASN A 518 10.84 -9.86 -1.22
C ASN A 518 9.35 -10.20 -1.10
N GLY A 519 8.56 -9.99 -2.15
CA GLY A 519 7.14 -10.29 -2.18
C GLY A 519 6.22 -9.07 -2.00
N TYR A 520 6.74 -7.92 -1.63
CA TYR A 520 5.93 -6.71 -1.49
C TYR A 520 5.46 -6.20 -2.84
N VAL A 521 4.40 -5.40 -2.78
CA VAL A 521 3.71 -4.92 -3.97
C VAL A 521 4.20 -3.50 -4.27
N LEU A 522 4.44 -3.22 -5.55
CA LEU A 522 4.90 -1.92 -6.00
C LEU A 522 3.71 -1.04 -6.39
N LEU A 523 2.81 -1.57 -7.23
CA LEU A 523 1.57 -0.90 -7.58
C LEU A 523 0.40 -1.80 -7.20
N HIS A 524 -0.63 -1.20 -6.60
CA HIS A 524 -1.85 -1.93 -6.32
C HIS A 524 -2.98 -0.95 -6.07
N PRO A 525 -4.20 -1.23 -6.56
CA PRO A 525 -5.36 -0.42 -6.18
C PRO A 525 -5.59 -0.27 -4.67
N ASN A 526 -5.27 -1.31 -3.91
CA ASN A 526 -5.41 -1.30 -2.47
C ASN A 526 -4.23 -0.62 -1.78
N LEU A 527 -3.19 -0.21 -2.53
CA LEU A 527 -2.01 0.40 -1.93
C LEU A 527 -2.30 1.85 -1.61
N GLN A 528 -2.45 2.16 -0.32
CA GLN A 528 -2.75 3.50 0.13
C GLN A 528 -1.90 3.81 1.35
N PRO A 529 -1.32 5.04 1.46
CA PRO A 529 -0.65 5.44 2.69
C PRO A 529 -1.61 5.72 3.86
N LYS A 530 -1.05 6.03 5.02
CA LYS A 530 -1.81 6.42 6.22
C LYS A 530 -1.61 7.88 6.64
N ASN A 531 -0.53 8.55 6.21
CA ASN A 531 -0.10 9.82 6.75
C ASN A 531 -0.43 10.93 5.73
N GLU A 536 7.57 5.61 8.13
CA GLU A 536 7.47 4.13 7.97
C GLU A 536 7.18 3.82 6.50
N PRO A 537 8.03 3.04 5.79
CA PRO A 537 7.77 2.72 4.39
C PRO A 537 6.51 1.89 4.24
N VAL A 538 5.82 2.07 3.12
CA VAL A 538 4.55 1.39 2.89
C VAL A 538 4.85 -0.07 2.55
N THR A 539 4.42 -0.97 3.44
CA THR A 539 4.68 -2.39 3.32
C THR A 539 3.36 -3.10 3.07
N LEU A 540 3.29 -3.85 1.96
CA LEU A 540 2.04 -4.52 1.59
C LEU A 540 2.38 -5.77 0.79
N ASP A 541 2.22 -6.94 1.43
CA ASP A 541 2.45 -8.20 0.75
C ASP A 541 1.34 -8.43 -0.26
N PHE A 542 1.63 -9.21 -1.30
CA PHE A 542 0.63 -9.52 -2.30
C PHE A 542 -0.55 -10.28 -1.73
N LEU A 543 -0.24 -11.31 -0.92
CA LEU A 543 -1.27 -12.08 -0.23
C LEU A 543 -2.08 -11.19 0.73
N ASP A 544 -1.40 -10.29 1.43
CA ASP A 544 -2.05 -9.34 2.30
C ASP A 544 -2.92 -8.38 1.49
N ALA A 545 -2.40 -7.88 0.36
CA ALA A 545 -3.12 -6.91 -0.47
C ALA A 545 -4.41 -7.49 -1.02
N GLU A 546 -4.30 -8.55 -1.84
CA GLU A 546 -5.46 -9.15 -2.50
C GLU A 546 -5.98 -10.28 -1.58
N LEU A 547 -6.95 -11.08 -2.04
CA LEU A 547 -7.39 -12.26 -1.30
C LEU A 547 -6.30 -13.32 -1.24
N GLU A 548 -6.48 -14.26 -0.31
CA GLU A 548 -5.55 -15.37 -0.10
C GLU A 548 -6.16 -16.65 -0.65
N ASN A 549 -5.36 -17.35 -1.45
CA ASN A 549 -5.80 -18.59 -2.06
C ASN A 549 -4.57 -19.46 -2.40
N ASP A 550 -4.79 -20.78 -2.42
CA ASP A 550 -3.69 -21.70 -2.73
C ASP A 550 -3.15 -21.46 -4.15
N ILE A 551 -4.01 -21.08 -5.11
CA ILE A 551 -3.54 -20.82 -6.46
C ILE A 551 -2.66 -19.58 -6.49
N LYS A 552 -3.03 -18.53 -5.76
CA LYS A 552 -2.19 -17.34 -5.70
C LYS A 552 -0.85 -17.61 -5.03
N VAL A 553 -0.89 -18.38 -3.92
CA VAL A 553 0.35 -18.80 -3.26
C VAL A 553 1.22 -19.58 -4.25
N GLU A 554 0.61 -20.48 -5.02
CA GLU A 554 1.33 -21.32 -5.96
C GLU A 554 1.96 -20.48 -7.06
N ILE A 555 1.24 -19.50 -7.60
CA ILE A 555 1.81 -18.69 -8.69
C ILE A 555 2.95 -17.83 -8.16
N ARG A 556 2.82 -17.34 -6.92
CA ARG A 556 3.92 -16.54 -6.31
C ARG A 556 5.13 -17.43 -6.05
N ASN A 557 4.92 -18.67 -5.59
CA ASN A 557 6.02 -19.57 -5.24
C ASN A 557 6.68 -20.14 -6.49
N LYS A 558 5.93 -20.28 -7.60
CA LYS A 558 6.44 -20.98 -8.78
C LYS A 558 6.91 -20.03 -9.87
N MET A 559 6.03 -19.13 -10.32
CA MET A 559 6.25 -18.41 -11.57
C MET A 559 6.17 -16.90 -11.36
N ILE A 560 6.89 -16.37 -10.39
CA ILE A 560 7.07 -14.91 -10.28
C ILE A 560 8.53 -14.48 -10.18
N ASP A 561 9.45 -15.40 -9.87
CA ASP A 561 10.86 -15.09 -9.64
C ASP A 561 11.68 -15.09 -10.91
N GLY A 562 11.11 -14.68 -12.05
CA GLY A 562 11.79 -14.69 -13.33
C GLY A 562 11.17 -15.57 -14.39
N GLU A 563 9.92 -16.03 -14.19
CA GLU A 563 9.23 -16.87 -15.15
C GLU A 563 8.01 -16.12 -15.69
N SER A 564 7.57 -16.54 -16.88
CA SER A 564 6.44 -15.94 -17.58
C SER A 564 5.41 -17.02 -17.87
N GLY A 565 4.13 -16.68 -17.65
CA GLY A 565 3.04 -17.61 -17.91
C GLY A 565 1.70 -16.99 -17.55
N GLU A 566 0.63 -17.75 -17.80
CA GLU A 566 -0.72 -17.32 -17.49
C GLU A 566 -1.48 -18.46 -16.83
N LYS A 567 -2.51 -18.09 -16.05
CA LYS A 567 -3.31 -19.05 -15.32
C LYS A 567 -4.69 -18.48 -15.04
N THR A 568 -5.72 -19.24 -15.42
CA THR A 568 -7.10 -18.85 -15.19
C THR A 568 -7.67 -19.67 -14.04
N PHE A 569 -8.19 -18.99 -13.02
CA PHE A 569 -8.64 -19.67 -11.82
C PHE A 569 -9.76 -18.88 -11.18
N ARG A 570 -10.52 -19.59 -10.33
CA ARG A 570 -11.70 -19.06 -9.69
C ARG A 570 -11.37 -18.80 -8.22
N THR A 571 -11.64 -17.59 -7.77
CA THR A 571 -11.31 -17.16 -6.42
C THR A 571 -12.25 -16.03 -6.01
N LEU A 572 -12.26 -15.76 -4.71
CA LEU A 572 -13.10 -14.70 -4.19
C LEU A 572 -12.52 -13.33 -4.50
N VAL A 573 -13.41 -12.36 -4.75
CA VAL A 573 -13.03 -10.99 -5.06
C VAL A 573 -13.60 -10.10 -3.97
N LYS A 574 -12.75 -9.24 -3.41
CA LYS A 574 -13.15 -8.34 -2.35
C LYS A 574 -13.67 -7.05 -2.98
N SER A 575 -14.87 -6.63 -2.55
CA SER A 575 -15.45 -5.37 -2.99
C SER A 575 -14.64 -4.19 -2.47
N GLN A 576 -14.80 -3.05 -3.14
CA GLN A 576 -14.08 -1.83 -2.77
C GLN A 576 -14.48 -1.35 -1.37
N ASP A 577 -15.76 -1.46 -1.04
CA ASP A 577 -16.20 -1.30 0.34
C ASP A 577 -15.73 -2.48 1.19
N GLU A 578 -15.51 -2.25 2.48
CA GLU A 578 -15.24 -3.33 3.43
C GLU A 578 -16.52 -4.05 3.88
N ARG A 579 -17.36 -4.45 2.94
CA ARG A 579 -18.69 -4.96 3.21
C ARG A 579 -18.99 -6.23 2.45
N TYR A 580 -18.52 -6.34 1.19
CA TYR A 580 -18.98 -7.40 0.30
C TYR A 580 -17.79 -8.14 -0.30
N ILE A 581 -17.99 -9.42 -0.63
CA ILE A 581 -17.12 -10.15 -1.54
C ILE A 581 -17.97 -10.99 -2.47
N ASP A 582 -17.36 -11.41 -3.58
CA ASP A 582 -18.08 -12.15 -4.60
C ASP A 582 -17.17 -13.20 -5.24
N LYS A 583 -17.80 -14.26 -5.74
CA LYS A 583 -17.13 -15.32 -6.47
C LYS A 583 -16.94 -14.92 -7.92
N GLY A 584 -15.84 -15.38 -8.50
CA GLY A 584 -15.59 -15.14 -9.90
C GLY A 584 -14.31 -15.82 -10.33
N ASN A 585 -14.06 -15.76 -11.64
CA ASN A 585 -12.85 -16.32 -12.24
C ASN A 585 -12.06 -15.20 -12.91
N ARG A 586 -10.74 -15.35 -12.91
CA ARG A 586 -9.82 -14.37 -13.46
C ARG A 586 -8.63 -15.11 -14.05
N THR A 587 -7.90 -14.41 -14.92
CA THR A 587 -6.64 -14.89 -15.47
C THR A 587 -5.55 -13.86 -15.16
N TYR A 588 -4.41 -14.34 -14.68
CA TYR A 588 -3.28 -13.49 -14.38
C TYR A 588 -2.19 -13.78 -15.41
N THR A 589 -1.59 -12.69 -15.93
CA THR A 589 -0.49 -12.78 -16.86
C THR A 589 0.67 -11.99 -16.26
N TRP A 590 1.86 -12.60 -16.29
CA TRP A 590 3.04 -12.03 -15.65
C TRP A 590 4.25 -12.22 -16.55
N THR A 591 5.23 -11.33 -16.38
CA THR A 591 6.51 -11.43 -17.04
C THR A 591 7.58 -10.94 -16.07
N PRO A 592 8.84 -11.39 -16.22
CA PRO A 592 9.95 -10.73 -15.54
C PRO A 592 10.46 -9.48 -16.27
N VAL A 593 10.79 -8.46 -15.48
CA VAL A 593 11.51 -7.29 -15.96
C VAL A 593 13.00 -7.62 -16.01
N ASN A 594 13.63 -7.41 -17.16
CA ASN A 594 15.02 -7.80 -17.31
C ASN A 594 15.95 -6.86 -16.54
N GLY A 595 15.68 -5.55 -16.62
CA GLY A 595 16.55 -4.58 -15.99
C GLY A 595 16.62 -4.69 -14.47
N THR A 596 15.45 -4.83 -13.85
CA THR A 596 15.29 -4.74 -12.41
C THR A 596 14.69 -6.05 -11.91
N ASP A 597 15.00 -6.37 -10.65
CA ASP A 597 14.47 -7.56 -9.98
C ASP A 597 12.94 -7.60 -9.89
N TYR A 598 12.25 -6.47 -10.05
CA TYR A 598 10.81 -6.40 -9.99
C TYR A 598 10.15 -7.30 -11.07
N SER A 599 8.88 -7.63 -10.81
CA SER A 599 8.03 -8.32 -11.77
C SER A 599 6.66 -7.66 -11.85
N LEU A 600 6.02 -7.78 -13.02
CA LEU A 600 4.75 -7.13 -13.31
C LEU A 600 3.72 -8.20 -13.67
N ALA A 601 2.46 -7.96 -13.28
CA ALA A 601 1.36 -8.87 -13.57
C ALA A 601 0.10 -8.05 -13.86
N LEU A 602 -0.79 -8.63 -14.67
CA LEU A 602 -2.02 -7.99 -15.11
C LEU A 602 -3.20 -8.91 -14.83
N VAL A 603 -4.31 -8.31 -14.39
CA VAL A 603 -5.52 -9.01 -14.00
C VAL A 603 -6.63 -8.63 -14.98
N LEU A 604 -7.32 -9.66 -15.50
CA LEU A 604 -8.32 -9.49 -16.53
C LEU A 604 -9.42 -10.52 -16.34
N PRO A 605 -10.55 -10.16 -15.69
CA PRO A 605 -11.73 -11.01 -15.69
C PRO A 605 -12.25 -11.28 -17.08
N THR A 606 -12.85 -12.46 -17.29
CA THR A 606 -13.19 -12.91 -18.64
C THR A 606 -14.46 -12.23 -19.20
N TYR A 607 -14.60 -10.93 -18.99
CA TYR A 607 -15.50 -10.08 -19.73
C TYR A 607 -14.85 -8.77 -20.17
N SER A 608 -13.59 -8.50 -19.76
CA SER A 608 -12.81 -7.37 -20.21
C SER A 608 -11.63 -7.80 -21.08
N PHE A 609 -11.67 -9.01 -21.66
CA PHE A 609 -10.70 -9.38 -22.68
C PHE A 609 -10.80 -8.50 -23.90
N TYR A 610 -12.01 -7.98 -24.18
CA TYR A 610 -12.21 -6.95 -25.17
C TYR A 610 -12.54 -5.63 -24.52
N TYR A 611 -12.33 -4.53 -25.27
CA TYR A 611 -12.69 -3.20 -24.82
C TYR A 611 -13.24 -2.42 -26.00
N ILE A 612 -13.93 -1.33 -25.69
CA ILE A 612 -14.67 -0.52 -26.65
C ILE A 612 -14.03 0.85 -26.72
N LYS A 613 -13.80 1.34 -27.95
CA LYS A 613 -13.30 2.69 -28.18
C LYS A 613 -14.09 3.33 -29.31
N ALA A 614 -13.91 4.65 -29.47
CA ALA A 614 -14.69 5.46 -30.39
C ALA A 614 -14.19 5.29 -31.81
N LYS A 615 -15.10 4.96 -32.74
CA LYS A 615 -14.74 4.81 -34.14
C LYS A 615 -14.55 6.20 -34.75
N LEU A 616 -13.29 6.65 -34.80
CA LEU A 616 -12.90 7.94 -35.38
C LEU A 616 -13.69 9.08 -34.73
N GLU A 617 -14.24 10.03 -35.52
CA GLU A 617 -15.00 11.13 -34.98
C GLU A 617 -16.34 10.64 -34.39
N ASP A 632 -22.84 14.59 -28.79
CA ASP A 632 -23.51 15.66 -28.00
C ASP A 632 -22.54 16.23 -26.97
N SER A 633 -22.11 17.48 -27.21
CA SER A 633 -21.27 18.23 -26.30
C SER A 633 -22.06 19.21 -25.42
N GLU A 634 -23.13 19.82 -25.97
CA GLU A 634 -23.94 20.76 -25.22
C GLU A 634 -24.79 20.09 -24.14
N THR A 635 -25.00 18.78 -24.22
CA THR A 635 -25.68 18.03 -23.16
C THR A 635 -24.98 18.07 -21.81
N LEU A 636 -23.68 18.38 -21.75
CA LEU A 636 -22.97 18.52 -20.48
C LEU A 636 -22.96 19.99 -20.04
N LYS A 637 -24.13 20.61 -19.92
CA LYS A 637 -24.24 22.01 -19.58
C LYS A 637 -25.10 22.17 -18.34
N PRO A 638 -24.58 22.81 -17.26
CA PRO A 638 -25.38 22.96 -16.04
C PRO A 638 -26.78 23.56 -16.20
N ASP A 639 -26.92 24.58 -17.05
CA ASP A 639 -28.21 25.19 -17.26
C ASP A 639 -29.22 24.24 -17.94
N ASN A 640 -28.73 23.15 -18.56
CA ASN A 640 -29.58 22.15 -19.17
C ASN A 640 -29.81 20.92 -18.27
N PHE A 641 -29.44 21.01 -16.97
CA PHE A 641 -29.57 19.89 -16.06
C PHE A 641 -31.01 19.48 -15.81
N GLU A 642 -31.90 20.48 -15.72
CA GLU A 642 -33.32 20.23 -15.46
C GLU A 642 -33.95 19.39 -16.58
N GLU A 643 -33.34 19.36 -17.77
CA GLU A 643 -33.81 18.51 -18.85
C GLU A 643 -32.97 17.26 -19.07
N SER A 644 -31.66 17.30 -18.78
CA SER A 644 -30.77 16.18 -19.14
C SER A 644 -30.16 15.49 -17.92
N GLY A 645 -30.76 15.62 -16.73
CA GLY A 645 -30.23 15.04 -15.51
C GLY A 645 -29.11 15.89 -14.92
N TYR A 646 -28.75 15.58 -13.67
CA TYR A 646 -27.70 16.31 -12.95
C TYR A 646 -26.36 15.65 -13.24
N THR A 647 -25.54 16.25 -14.08
CA THR A 647 -24.35 15.62 -14.62
C THR A 647 -23.15 15.79 -13.67
N PHE A 648 -22.44 14.67 -13.47
CA PHE A 648 -21.09 14.67 -12.95
C PHE A 648 -20.14 14.13 -14.01
N ILE A 649 -18.89 14.61 -14.02
CA ILE A 649 -17.88 14.15 -14.95
C ILE A 649 -16.65 13.72 -14.15
N ALA A 650 -16.07 12.57 -14.53
CA ALA A 650 -14.96 12.00 -13.80
C ALA A 650 -13.74 12.85 -14.01
N PRO A 651 -13.06 13.36 -12.95
CA PRO A 651 -11.91 14.26 -13.14
C PRO A 651 -10.65 13.53 -13.63
N ARG A 652 -10.76 12.92 -14.81
CA ARG A 652 -9.64 12.26 -15.46
C ARG A 652 -8.76 13.32 -16.10
N ASP A 653 -7.48 12.98 -16.31
CA ASP A 653 -6.54 13.83 -17.01
C ASP A 653 -6.87 13.85 -18.49
N TYR A 654 -8.00 14.49 -18.83
CA TYR A 654 -8.45 14.53 -20.21
C TYR A 654 -7.47 15.30 -21.07
N CYS A 655 -6.92 16.39 -20.53
CA CYS A 655 -6.05 17.24 -21.33
C CYS A 655 -5.08 17.94 -20.40
N ASN A 656 -3.87 18.21 -20.90
CA ASN A 656 -2.80 18.76 -20.05
C ASN A 656 -3.09 20.20 -19.61
N ASP A 657 -3.87 20.95 -20.40
CA ASP A 657 -4.16 22.34 -20.08
C ASP A 657 -4.95 22.48 -18.78
N LEU A 658 -5.96 21.61 -18.58
CA LEU A 658 -6.82 21.69 -17.41
C LEU A 658 -6.18 20.99 -16.22
N LYS A 659 -6.78 21.19 -15.04
CA LYS A 659 -6.28 20.64 -13.79
C LYS A 659 -7.41 19.95 -13.03
N ILE A 660 -7.03 19.11 -12.08
CA ILE A 660 -8.00 18.35 -11.28
C ILE A 660 -8.72 19.33 -10.36
N SER A 661 -10.06 19.34 -10.47
CA SER A 661 -10.90 20.37 -9.88
C SER A 661 -12.10 19.73 -9.15
N ASP A 662 -11.78 18.83 -8.21
CA ASP A 662 -12.73 17.89 -7.58
C ASP A 662 -14.06 18.49 -7.12
N ASN A 663 -14.11 19.81 -6.84
CA ASN A 663 -15.35 20.56 -6.68
C ASN A 663 -16.40 20.17 -7.72
N ASN A 664 -15.96 19.93 -8.96
CA ASN A 664 -16.64 19.17 -10.01
C ASN A 664 -17.71 19.99 -10.77
N THR A 665 -18.23 21.09 -10.23
CA THR A 665 -19.15 21.90 -11.02
C THR A 665 -18.39 22.92 -11.84
N GLU A 666 -17.46 23.63 -11.18
CA GLU A 666 -16.51 24.46 -11.91
C GLU A 666 -15.63 23.56 -12.80
N PHE A 667 -15.34 22.33 -12.35
CA PHE A 667 -14.64 21.39 -13.23
C PHE A 667 -15.47 21.05 -14.47
N LEU A 668 -16.78 20.82 -14.29
CA LEU A 668 -17.62 20.49 -15.45
C LEU A 668 -17.69 21.66 -16.42
N LEU A 669 -17.87 22.89 -15.91
CA LEU A 669 -17.90 24.05 -16.80
C LEU A 669 -16.53 24.28 -17.46
N ASN A 670 -15.43 24.06 -16.73
CA ASN A 670 -14.11 24.11 -17.33
C ASN A 670 -13.95 23.09 -18.46
N PHE A 671 -14.42 21.86 -18.24
CA PHE A 671 -14.33 20.82 -19.24
C PHE A 671 -15.06 21.23 -20.52
N ASN A 672 -16.31 21.67 -20.36
CA ASN A 672 -17.10 22.00 -21.53
C ASN A 672 -16.55 23.25 -22.23
N GLU A 673 -16.03 24.21 -21.46
CA GLU A 673 -15.38 25.39 -22.04
C GLU A 673 -14.16 25.01 -22.88
N PHE A 674 -13.32 24.11 -22.36
CA PHE A 674 -12.15 23.65 -23.09
C PHE A 674 -12.55 22.87 -24.36
N ILE A 675 -13.60 22.06 -24.27
CA ILE A 675 -14.10 21.35 -25.44
C ILE A 675 -14.61 22.35 -26.49
N ASP A 676 -15.33 23.38 -26.06
CA ASP A 676 -15.81 24.41 -26.99
C ASP A 676 -14.65 25.15 -27.65
N ARG A 677 -13.61 25.49 -26.87
CA ARG A 677 -12.45 26.18 -27.39
C ARG A 677 -11.62 25.22 -28.24
N THR A 687 -13.45 21.63 -31.32
CA THR A 687 -12.09 21.73 -31.91
C THR A 687 -11.35 20.42 -31.68
N PRO A 688 -11.53 19.42 -32.56
CA PRO A 688 -10.78 18.16 -32.46
C PRO A 688 -9.30 18.18 -32.86
N ASN A 689 -8.70 19.35 -33.04
CA ASN A 689 -7.28 19.45 -33.40
C ASN A 689 -6.37 18.77 -32.37
N ASN A 690 -6.50 19.18 -31.10
CA ASN A 690 -5.81 18.55 -29.98
C ASN A 690 -4.31 18.39 -30.23
N PRO A 691 -3.52 19.49 -30.28
CA PRO A 691 -2.07 19.36 -30.49
C PRO A 691 -1.35 18.48 -29.45
N SER A 692 -1.70 18.66 -28.17
CA SER A 692 -1.15 17.85 -27.07
C SER A 692 -2.27 17.48 -26.10
N CYS A 693 -3.41 17.06 -26.65
CA CYS A 693 -4.64 16.87 -25.88
C CYS A 693 -5.11 15.43 -26.10
N ASN A 694 -5.33 14.70 -25.00
CA ASN A 694 -5.54 13.27 -25.01
C ASN A 694 -6.89 12.93 -25.66
N ALA A 695 -6.86 12.32 -26.85
CA ALA A 695 -8.03 12.20 -27.72
C ALA A 695 -8.93 11.01 -27.36
N ASP A 696 -8.34 9.88 -27.00
CA ASP A 696 -9.11 8.66 -26.70
C ASP A 696 -10.11 8.87 -25.55
N LEU A 697 -9.64 9.45 -24.44
CA LEU A 697 -10.50 9.75 -23.30
C LEU A 697 -11.62 10.73 -23.67
N ILE A 698 -11.31 11.77 -24.43
CA ILE A 698 -12.30 12.76 -24.83
C ILE A 698 -13.37 12.09 -25.70
N ASN A 699 -12.92 11.29 -26.68
CA ASN A 699 -13.87 10.61 -27.54
C ASN A 699 -14.78 9.68 -26.74
N ARG A 700 -14.17 8.92 -25.81
CA ARG A 700 -14.93 8.02 -24.98
C ARG A 700 -15.99 8.75 -24.15
N VAL A 701 -15.60 9.83 -23.48
CA VAL A 701 -16.53 10.54 -22.61
C VAL A 701 -17.64 11.21 -23.42
N LEU A 702 -17.31 11.76 -24.60
CA LEU A 702 -18.34 12.37 -25.43
C LEU A 702 -19.37 11.33 -25.90
N LEU A 703 -18.89 10.19 -26.40
CA LEU A 703 -19.79 9.11 -26.82
C LEU A 703 -20.66 8.61 -25.66
N ASP A 704 -20.03 8.48 -24.48
CA ASP A 704 -20.74 8.02 -23.30
C ASP A 704 -21.84 8.99 -22.87
N ALA A 705 -21.52 10.30 -22.89
CA ALA A 705 -22.50 11.33 -22.58
C ALA A 705 -23.66 11.32 -23.59
N GLY A 706 -23.35 11.08 -24.86
CA GLY A 706 -24.40 10.92 -25.86
C GLY A 706 -25.37 9.78 -25.51
N PHE A 707 -24.80 8.62 -25.19
CA PHE A 707 -25.63 7.47 -24.84
C PHE A 707 -26.49 7.73 -23.59
N THR A 708 -25.86 8.29 -22.55
CA THR A 708 -26.59 8.56 -21.32
C THR A 708 -27.71 9.59 -21.51
N ASN A 709 -27.41 10.65 -22.26
CA ASN A 709 -28.41 11.68 -22.54
C ASN A 709 -29.59 11.09 -23.32
N GLU A 710 -29.31 10.24 -24.31
CA GLU A 710 -30.39 9.62 -25.07
C GLU A 710 -31.26 8.75 -24.15
N LEU A 711 -30.62 7.99 -23.25
CA LEU A 711 -31.38 7.21 -22.30
C LEU A 711 -32.33 8.10 -21.49
N VAL A 712 -31.79 9.17 -20.92
CA VAL A 712 -32.58 10.05 -20.06
C VAL A 712 -33.74 10.70 -20.85
N GLN A 713 -33.47 11.10 -22.09
CA GLN A 713 -34.48 11.79 -22.89
C GLN A 713 -35.58 10.84 -23.35
N ASN A 714 -35.23 9.63 -23.78
CA ASN A 714 -36.19 8.73 -24.37
C ASN A 714 -36.92 7.87 -23.34
N TYR A 715 -36.35 7.62 -22.15
CA TYR A 715 -36.97 6.73 -21.18
C TYR A 715 -37.37 7.44 -19.90
N TRP A 716 -36.44 8.10 -19.21
CA TRP A 716 -36.73 8.69 -17.90
C TRP A 716 -37.60 9.93 -17.95
N SER A 717 -37.62 10.62 -19.09
CA SER A 717 -38.43 11.83 -19.24
C SER A 717 -39.92 11.54 -19.20
N LYS A 718 -40.34 10.40 -19.79
CA LYS A 718 -41.76 10.10 -19.95
C LYS A 718 -42.44 9.95 -18.58
N GLN A 719 -41.79 9.25 -17.64
CA GLN A 719 -42.33 9.08 -16.30
C GLN A 719 -41.69 10.13 -15.40
N LYS A 720 -42.39 11.25 -15.20
CA LYS A 720 -41.86 12.36 -14.41
C LYS A 720 -41.53 11.91 -12.98
N ASN A 721 -42.45 11.18 -12.36
CA ASN A 721 -42.25 10.70 -11.01
C ASN A 721 -43.05 9.42 -10.79
N ILE A 722 -42.46 8.52 -10.01
CA ILE A 722 -43.08 7.27 -9.58
C ILE A 722 -43.04 7.26 -8.06
N LYS A 723 -44.11 6.73 -7.46
CA LYS A 723 -44.30 6.82 -6.01
C LYS A 723 -43.18 6.08 -5.25
N GLY A 724 -42.82 4.89 -5.74
CA GLY A 724 -41.80 4.06 -5.11
C GLY A 724 -40.36 4.42 -5.48
N VAL A 725 -40.18 5.08 -6.64
CA VAL A 725 -38.86 5.37 -7.18
C VAL A 725 -38.47 6.78 -6.75
N LYS A 726 -37.55 6.89 -5.79
CA LYS A 726 -37.14 8.20 -5.31
C LYS A 726 -36.17 8.87 -6.29
N ALA A 727 -35.31 8.10 -6.95
CA ALA A 727 -34.29 8.64 -7.85
C ALA A 727 -33.91 7.57 -8.86
N ARG A 728 -33.27 7.95 -9.95
CA ARG A 728 -32.68 7.03 -10.89
C ARG A 728 -31.31 7.56 -11.32
N PHE A 729 -30.44 6.65 -11.74
CA PHE A 729 -29.08 7.00 -12.07
C PHE A 729 -28.47 6.02 -13.05
N VAL A 730 -27.27 6.38 -13.52
CA VAL A 730 -26.44 5.54 -14.36
C VAL A 730 -25.00 6.02 -14.28
N VAL A 731 -24.07 5.09 -14.13
CA VAL A 731 -22.63 5.32 -14.25
C VAL A 731 -22.15 4.44 -15.37
N THR A 732 -21.04 4.85 -16.01
CA THR A 732 -20.65 4.28 -17.30
C THR A 732 -19.18 4.53 -17.56
N ASP A 733 -18.60 3.70 -18.43
CA ASP A 733 -17.17 3.71 -18.71
C ASP A 733 -16.78 4.93 -19.53
N GLY A 734 -16.17 5.91 -18.92
CA GLY A 734 -15.94 7.20 -19.52
C GLY A 734 -16.07 8.33 -18.49
N GLY A 735 -16.94 8.14 -17.51
CA GLY A 735 -17.02 9.04 -16.38
C GLY A 735 -18.20 10.01 -16.42
N ILE A 736 -19.39 9.55 -16.87
CA ILE A 736 -20.58 10.38 -16.86
C ILE A 736 -21.66 9.70 -16.03
N THR A 737 -22.20 10.42 -15.05
CA THR A 737 -23.30 9.93 -14.23
C THR A 737 -24.38 11.00 -14.12
N ARG A 738 -25.64 10.58 -14.24
CA ARG A 738 -26.77 11.46 -14.42
C ARG A 738 -27.92 11.04 -13.52
N VAL A 739 -28.52 12.00 -12.81
CA VAL A 739 -29.71 11.81 -11.99
C VAL A 739 -30.83 12.68 -12.54
N TYR A 740 -32.00 12.09 -12.85
CA TYR A 740 -33.03 12.82 -13.61
C TYR A 740 -33.50 14.10 -12.91
N PRO A 741 -33.90 14.09 -11.63
CA PRO A 741 -34.21 15.35 -10.95
C PRO A 741 -32.96 16.00 -10.35
N LYS A 742 -32.83 17.31 -10.50
CA LYS A 742 -31.75 18.06 -9.85
C LYS A 742 -31.85 17.97 -8.32
N GLU A 743 -33.08 17.92 -7.79
CA GLU A 743 -33.29 17.75 -6.37
C GLU A 743 -32.78 16.38 -5.90
N ALA A 744 -33.03 15.35 -6.71
CA ALA A 744 -32.52 14.02 -6.41
C ALA A 744 -31.01 13.89 -6.65
N GLY A 745 -30.43 14.79 -7.45
CA GLY A 745 -28.99 14.85 -7.68
C GLY A 745 -28.24 15.65 -6.61
N GLU A 746 -28.93 16.54 -5.89
CA GLU A 746 -28.28 17.35 -4.86
C GLU A 746 -27.67 16.46 -3.76
N ASN A 747 -28.42 15.42 -3.36
CA ASN A 747 -28.01 14.54 -2.26
C ASN A 747 -27.28 13.30 -2.79
N TRP A 748 -26.61 13.39 -3.95
CA TRP A 748 -25.70 12.36 -4.41
C TRP A 748 -24.35 12.50 -3.70
N GLN A 749 -23.94 11.42 -3.03
CA GLN A 749 -22.75 11.44 -2.18
C GLN A 749 -21.53 10.77 -2.80
N GLU A 750 -21.72 9.90 -3.80
CA GLU A 750 -20.61 9.15 -4.37
C GLU A 750 -19.77 10.02 -5.31
N ASN A 751 -18.48 9.68 -5.40
CA ASN A 751 -17.53 10.49 -6.18
C ASN A 751 -17.83 10.36 -7.67
N PRO A 752 -17.47 11.33 -8.52
CA PRO A 752 -17.80 11.23 -9.95
C PRO A 752 -16.85 10.35 -10.75
N GLU A 753 -15.76 9.84 -10.14
CA GLU A 753 -14.89 8.88 -10.81
C GLU A 753 -15.62 7.54 -10.89
N THR A 754 -15.96 7.12 -12.11
CA THR A 754 -16.67 5.87 -12.33
C THR A 754 -15.88 4.67 -11.80
N TYR A 755 -14.56 4.70 -11.89
CA TYR A 755 -13.72 3.55 -11.55
C TYR A 755 -13.53 3.36 -10.05
N GLU A 756 -13.97 4.32 -9.23
CA GLU A 756 -13.69 4.31 -7.80
C GLU A 756 -14.93 4.15 -6.93
N ASP A 757 -16.13 4.09 -7.52
CA ASP A 757 -17.33 3.82 -6.73
C ASP A 757 -17.58 2.31 -6.66
N SER A 758 -17.98 1.83 -5.49
CA SER A 758 -17.98 0.42 -5.16
C SER A 758 -19.09 -0.35 -5.88
N PHE A 759 -20.28 0.24 -5.94
CA PHE A 759 -21.43 -0.47 -6.46
C PHE A 759 -21.25 -0.84 -7.94
N TYR A 760 -20.49 -0.03 -8.69
CA TYR A 760 -20.24 -0.32 -10.11
C TYR A 760 -19.48 -1.64 -10.25
N LYS A 761 -18.39 -1.74 -9.48
CA LYS A 761 -17.60 -2.97 -9.47
C LYS A 761 -18.45 -4.16 -8.99
N ARG A 762 -19.26 -3.92 -7.96
CA ARG A 762 -20.11 -4.98 -7.41
C ARG A 762 -21.07 -5.51 -8.48
N SER A 763 -21.71 -4.61 -9.22
CA SER A 763 -22.65 -4.99 -10.26
C SER A 763 -21.98 -5.67 -11.46
N LEU A 764 -20.76 -5.21 -11.80
CA LEU A 764 -19.95 -5.90 -12.81
C LEU A 764 -19.69 -7.35 -12.39
N ASP A 765 -19.31 -7.57 -11.12
CA ASP A 765 -19.05 -8.91 -10.63
C ASP A 765 -20.30 -9.79 -10.63
N ASN A 766 -21.39 -9.28 -10.04
CA ASN A 766 -22.61 -10.08 -9.87
C ASN A 766 -23.36 -10.21 -11.19
N ASP A 767 -24.13 -11.28 -11.32
CA ASP A 767 -25.01 -11.51 -12.46
C ASP A 767 -26.47 -11.15 -12.20
N ASN A 768 -26.77 -10.58 -11.02
CA ASN A 768 -28.13 -10.30 -10.59
C ASN A 768 -28.22 -8.88 -10.04
N TYR A 769 -29.43 -8.47 -9.67
CA TYR A 769 -29.66 -7.18 -9.05
C TYR A 769 -28.98 -7.11 -7.69
N VAL A 770 -28.22 -6.06 -7.44
CA VAL A 770 -27.48 -5.91 -6.21
C VAL A 770 -28.09 -4.77 -5.41
N PHE A 771 -28.42 -5.04 -4.17
CA PHE A 771 -29.00 -4.05 -3.28
C PHE A 771 -27.89 -3.57 -2.35
N THR A 772 -27.61 -2.28 -2.39
CA THR A 772 -26.60 -1.68 -1.55
C THR A 772 -27.28 -1.03 -0.34
N ALA A 773 -26.93 -1.48 0.85
CA ALA A 773 -27.52 -0.92 2.05
C ALA A 773 -26.99 0.50 2.28
N PRO A 774 -27.83 1.45 2.72
CA PRO A 774 -27.31 2.73 3.19
C PRO A 774 -26.57 2.60 4.51
N TYR A 775 -25.72 3.57 4.80
CA TYR A 775 -24.96 3.62 6.03
C TYR A 775 -25.87 4.03 7.19
N PHE A 776 -25.47 3.64 8.40
CA PHE A 776 -26.16 3.97 9.64
C PHE A 776 -25.26 4.80 10.54
N ASN A 777 -25.88 5.73 11.27
CA ASN A 777 -25.19 6.65 12.18
C ASN A 777 -24.11 7.45 11.45
N LYS A 778 -24.51 8.12 10.37
CA LYS A 778 -23.63 9.00 9.61
C LYS A 778 -24.30 10.34 9.37
N SER A 779 -23.49 11.40 9.40
CA SER A 779 -23.94 12.74 9.04
C SER A 779 -24.32 12.79 7.57
N GLY A 780 -25.44 13.46 7.28
CA GLY A 780 -25.99 13.59 5.94
C GLY A 780 -27.22 12.71 5.77
N PRO A 781 -28.39 13.25 5.35
CA PRO A 781 -29.61 12.43 5.27
C PRO A 781 -29.56 11.42 4.12
N GLY A 782 -29.37 10.14 4.48
CA GLY A 782 -29.27 9.04 3.52
C GLY A 782 -30.12 7.83 3.87
N ALA A 783 -31.16 7.97 4.73
CA ALA A 783 -31.93 6.84 5.20
C ALA A 783 -33.36 6.93 4.70
N TYR A 784 -34.05 8.02 5.03
CA TYR A 784 -35.44 8.22 4.61
C TYR A 784 -35.57 9.14 3.43
N GLU A 785 -34.71 10.16 3.28
CA GLU A 785 -34.80 11.08 2.16
C GLU A 785 -33.94 10.68 0.96
N SER A 786 -33.21 9.56 1.02
CA SER A 786 -32.44 9.06 -0.11
C SER A 786 -32.93 7.69 -0.59
N GLY A 787 -33.16 6.76 0.35
CA GLY A 787 -33.74 5.47 0.05
C GLY A 787 -32.67 4.38 -0.12
N ILE A 788 -33.10 3.26 -0.71
CA ILE A 788 -32.28 2.08 -0.90
C ILE A 788 -31.87 2.06 -2.37
N MET A 789 -30.58 1.78 -2.62
CA MET A 789 -30.02 1.81 -3.96
C MET A 789 -29.94 0.40 -4.54
N VAL A 790 -30.43 0.23 -5.78
CA VAL A 790 -30.35 -1.03 -6.51
C VAL A 790 -29.40 -0.80 -7.69
N SER A 791 -28.82 -1.89 -8.23
CA SER A 791 -27.91 -1.81 -9.36
C SER A 791 -27.98 -3.06 -10.21
N LYS A 792 -27.75 -2.91 -11.51
CA LYS A 792 -27.51 -4.05 -12.39
C LYS A 792 -26.69 -3.60 -13.60
N ALA A 793 -25.69 -4.40 -13.95
CA ALA A 793 -24.82 -4.12 -15.08
C ALA A 793 -25.52 -4.49 -16.37
N VAL A 794 -25.16 -3.75 -17.44
CA VAL A 794 -25.68 -4.01 -18.77
C VAL A 794 -24.69 -4.90 -19.51
N GLU A 795 -25.22 -5.81 -20.32
CA GLU A 795 -24.42 -6.79 -21.05
C GLU A 795 -24.76 -6.69 -22.53
N ILE A 796 -23.72 -6.60 -23.39
CA ILE A 796 -23.91 -6.47 -24.82
C ILE A 796 -23.10 -7.56 -25.53
N TYR A 797 -23.58 -7.96 -26.70
CA TYR A 797 -22.94 -8.94 -27.56
C TYR A 797 -22.94 -8.39 -28.98
N ILE A 798 -21.76 -8.03 -29.48
CA ILE A 798 -21.64 -7.40 -30.80
C ILE A 798 -21.39 -8.45 -31.87
N GLN A 799 -20.27 -9.16 -31.79
CA GLN A 799 -19.93 -10.21 -32.73
C GLN A 799 -19.94 -11.59 -32.08
N GLY A 800 -20.30 -11.69 -30.80
CA GLY A 800 -20.29 -12.93 -30.05
C GLY A 800 -19.56 -12.91 -28.72
N LYS A 801 -18.92 -11.80 -28.29
CA LYS A 801 -18.24 -11.80 -27.00
C LYS A 801 -18.84 -10.75 -26.06
N LEU A 802 -18.85 -11.09 -24.76
CA LEU A 802 -19.52 -10.31 -23.73
C LEU A 802 -18.76 -9.01 -23.48
N LEU A 803 -19.52 -7.92 -23.33
CA LEU A 803 -19.00 -6.65 -22.83
C LEU A 803 -19.99 -6.07 -21.83
N LYS A 804 -19.46 -5.45 -20.76
CA LYS A 804 -20.26 -4.92 -19.67
C LYS A 804 -19.92 -3.45 -19.50
N PRO A 805 -20.49 -2.55 -20.36
CA PRO A 805 -20.12 -1.14 -20.32
C PRO A 805 -20.51 -0.37 -19.08
N ALA A 806 -21.79 -0.42 -18.70
CA ALA A 806 -22.36 0.49 -17.69
C ALA A 806 -23.27 -0.28 -16.72
N VAL A 807 -23.60 0.38 -15.60
CA VAL A 807 -24.65 -0.08 -14.71
C VAL A 807 -25.66 1.05 -14.51
N VAL A 808 -26.87 0.68 -14.15
CA VAL A 808 -27.95 1.58 -13.84
C VAL A 808 -28.46 1.29 -12.44
N GLY A 809 -29.48 2.02 -12.01
CA GLY A 809 -30.06 1.79 -10.70
C GLY A 809 -31.13 2.81 -10.37
N ILE A 810 -31.81 2.59 -9.23
CA ILE A 810 -32.86 3.45 -8.75
C ILE A 810 -32.71 3.66 -7.25
N LYS A 811 -33.56 4.52 -6.70
CA LYS A 811 -33.72 4.68 -5.27
C LYS A 811 -35.12 4.23 -4.86
N ILE A 812 -35.19 3.30 -3.91
CA ILE A 812 -36.44 2.79 -3.40
C ILE A 812 -36.89 3.67 -2.25
N ASP A 813 -38.17 4.08 -2.29
CA ASP A 813 -38.73 4.85 -1.20
C ASP A 813 -38.95 3.96 0.03
N VAL A 814 -38.35 4.36 1.16
CA VAL A 814 -38.45 3.56 2.37
C VAL A 814 -39.89 3.44 2.85
N ASN A 815 -40.64 4.54 2.85
CA ASN A 815 -42.03 4.54 3.30
C ASN A 815 -42.91 3.66 2.41
N SER A 816 -42.72 3.74 1.10
CA SER A 816 -43.45 2.88 0.18
C SER A 816 -43.13 1.41 0.42
N TRP A 817 -41.83 1.12 0.64
CA TRP A 817 -41.43 -0.26 0.89
C TRP A 817 -42.03 -0.78 2.20
N ILE A 818 -42.04 0.05 3.26
CA ILE A 818 -42.74 -0.28 4.49
C ILE A 818 -44.19 -0.64 4.19
N GLU A 819 -44.95 0.31 3.65
CA GLU A 819 -46.39 0.14 3.48
C GLU A 819 -46.77 -0.97 2.50
N ASN A 820 -45.84 -1.41 1.65
CA ASN A 820 -46.11 -2.48 0.69
C ASN A 820 -45.58 -3.82 1.16
N PHE A 821 -44.60 -3.80 2.09
CA PHE A 821 -44.20 -4.97 2.86
C PHE A 821 -45.23 -5.34 3.92
N THR A 822 -46.05 -4.37 4.36
CA THR A 822 -47.09 -4.66 5.34
C THR A 822 -48.21 -5.52 4.78
N LYS A 823 -48.26 -5.73 3.45
CA LYS A 823 -49.32 -6.46 2.77
C LYS A 823 -49.82 -7.65 3.61
N ASP A 836 -48.72 -14.08 11.01
CA ASP A 836 -48.50 -13.13 9.88
C ASP A 836 -47.31 -12.20 10.20
N CYS A 837 -47.24 -11.05 9.53
CA CYS A 837 -46.15 -10.08 9.72
C CYS A 837 -46.73 -8.72 10.08
N LYS A 838 -47.68 -8.68 11.04
CA LYS A 838 -48.21 -7.42 11.52
C LYS A 838 -47.17 -6.71 12.40
N ARG A 839 -47.29 -5.39 12.48
CA ARG A 839 -46.45 -4.56 13.33
C ARG A 839 -47.13 -4.33 14.67
N ASN A 840 -46.49 -3.49 15.50
CA ASN A 840 -46.97 -3.10 16.83
C ASN A 840 -47.02 -4.26 17.84
N SER A 841 -46.42 -5.42 17.52
CA SER A 841 -46.48 -6.60 18.37
C SER A 841 -45.13 -7.29 18.38
N ASP A 842 -44.94 -8.16 19.39
CA ASP A 842 -43.73 -8.96 19.54
C ASP A 842 -44.14 -10.42 19.69
N VAL A 843 -44.40 -11.06 18.55
CA VAL A 843 -44.70 -12.48 18.46
C VAL A 843 -43.77 -13.11 17.43
N MET A 844 -43.69 -12.52 16.23
CA MET A 844 -42.84 -13.00 15.16
C MET A 844 -42.16 -11.82 14.49
N ASP A 845 -41.02 -12.10 13.83
CA ASP A 845 -40.26 -11.13 13.06
C ASP A 845 -40.22 -11.56 11.61
N CYS A 846 -40.49 -10.63 10.70
CA CYS A 846 -40.38 -10.83 9.27
C CYS A 846 -39.35 -9.83 8.76
N VAL A 847 -38.14 -10.31 8.45
CA VAL A 847 -36.97 -9.49 8.21
C VAL A 847 -36.29 -9.97 6.92
N ILE A 848 -35.74 -9.01 6.16
CA ILE A 848 -35.02 -9.27 4.92
C ILE A 848 -33.59 -8.74 5.03
N LEU A 849 -32.63 -9.48 4.46
CA LEU A 849 -31.20 -9.17 4.51
C LEU A 849 -30.64 -9.16 3.08
N ASP A 850 -29.31 -8.96 2.96
CA ASP A 850 -28.59 -9.16 1.71
C ASP A 850 -27.27 -9.91 1.99
N ASP A 851 -26.38 -9.92 1.00
CA ASP A 851 -25.08 -10.58 1.09
C ASP A 851 -24.17 -9.76 1.98
N GLY A 852 -24.15 -10.08 3.25
CA GLY A 852 -23.39 -9.27 4.21
C GLY A 852 -24.17 -8.96 5.47
N GLY A 853 -25.45 -9.40 5.52
CA GLY A 853 -26.27 -9.32 6.71
C GLY A 853 -26.61 -7.88 7.06
N PHE A 854 -26.87 -7.03 6.06
CA PHE A 854 -27.27 -5.66 6.30
C PHE A 854 -28.79 -5.57 6.22
N LEU A 855 -29.40 -4.93 7.24
CA LEU A 855 -30.86 -4.81 7.26
C LEU A 855 -31.35 -3.86 6.17
N LEU A 856 -32.42 -4.26 5.50
CA LEU A 856 -33.05 -3.44 4.47
C LEU A 856 -34.54 -3.21 4.66
N MET A 857 -35.27 -4.12 5.32
CA MET A 857 -36.67 -3.95 5.61
C MET A 857 -37.06 -4.74 6.85
N ALA A 858 -38.00 -4.19 7.63
CA ALA A 858 -38.53 -4.82 8.81
C ALA A 858 -39.89 -4.22 9.13
N ASN A 859 -40.68 -4.96 9.91
CA ASN A 859 -42.00 -4.53 10.35
C ASN A 859 -42.04 -4.13 11.83
N HIS A 860 -40.98 -4.39 12.61
CA HIS A 860 -41.00 -4.15 14.04
C HIS A 860 -41.06 -2.67 14.41
N ASP A 861 -40.79 -1.75 13.46
CA ASP A 861 -40.89 -0.32 13.65
C ASP A 861 -39.77 0.22 14.54
N ASP A 862 -38.96 -0.67 15.13
CA ASP A 862 -37.74 -0.30 15.83
C ASP A 862 -36.50 -0.74 15.08
N TYR A 863 -36.58 -1.82 14.29
CA TYR A 863 -35.51 -2.18 13.37
C TYR A 863 -35.45 -1.26 12.16
N THR A 864 -36.61 -0.78 11.68
CA THR A 864 -36.65 0.02 10.46
C THR A 864 -36.09 1.44 10.68
N ASN A 865 -36.16 1.95 11.90
CA ASN A 865 -35.53 3.22 12.23
C ASN A 865 -34.00 3.12 12.12
N GLN A 866 -33.46 2.00 12.62
CA GLN A 866 -32.04 1.66 12.54
C GLN A 866 -31.73 0.87 11.27
N ILE A 867 -32.17 1.39 10.13
CA ILE A 867 -32.10 0.65 8.87
C ILE A 867 -30.68 0.73 8.32
N GLY A 868 -30.32 -0.24 7.48
CA GLY A 868 -29.03 -0.26 6.83
C GLY A 868 -27.88 -0.71 7.73
N ARG A 869 -28.17 -1.29 8.91
CA ARG A 869 -27.13 -1.73 9.83
C ARG A 869 -27.06 -3.25 9.86
N PHE A 870 -25.88 -3.77 10.22
CA PHE A 870 -25.60 -5.19 10.22
C PHE A 870 -26.61 -5.96 11.09
N PHE A 871 -27.12 -7.07 10.57
CA PHE A 871 -28.18 -7.79 11.27
C PHE A 871 -27.69 -8.42 12.56
N GLY A 872 -26.38 -8.76 12.61
CA GLY A 872 -25.80 -9.28 13.83
C GLY A 872 -25.82 -8.29 15.01
N GLU A 873 -25.71 -7.01 14.73
CA GLU A 873 -25.69 -6.00 15.79
C GLU A 873 -27.08 -5.84 16.44
N ILE A 874 -28.16 -6.32 15.81
CA ILE A 874 -29.49 -6.27 16.42
C ILE A 874 -30.02 -7.64 16.82
N ASP A 875 -29.54 -8.73 16.19
CA ASP A 875 -30.08 -10.06 16.46
C ASP A 875 -28.95 -11.07 16.29
N PRO A 876 -28.04 -11.18 17.28
CA PRO A 876 -26.83 -12.00 17.09
C PRO A 876 -27.07 -13.51 17.10
N SER A 877 -28.08 -13.97 17.86
CA SER A 877 -28.36 -15.40 17.97
C SER A 877 -28.70 -16.01 16.61
N LEU A 878 -29.64 -15.37 15.90
CA LEU A 878 -30.06 -15.87 14.60
C LEU A 878 -28.92 -15.80 13.58
N MET A 879 -28.12 -14.71 13.64
CA MET A 879 -26.99 -14.58 12.74
C MET A 879 -25.95 -15.68 12.98
N ARG A 880 -25.65 -15.98 14.24
CA ARG A 880 -24.71 -17.07 14.55
C ARG A 880 -25.27 -18.41 14.07
N HIS A 881 -26.58 -18.63 14.25
CA HIS A 881 -27.18 -19.86 13.76
C HIS A 881 -27.05 -19.99 12.24
N LEU A 882 -27.27 -18.87 11.53
CA LEU A 882 -27.08 -18.87 10.07
C LEU A 882 -25.63 -19.18 9.69
N VAL A 883 -24.67 -18.56 10.39
CA VAL A 883 -23.26 -18.78 10.07
C VAL A 883 -22.88 -20.24 10.30
N ASN A 884 -23.29 -20.82 11.42
CA ASN A 884 -22.92 -22.19 11.73
C ASN A 884 -23.74 -23.22 10.95
N ILE A 885 -24.92 -22.85 10.43
CA ILE A 885 -25.63 -23.73 9.52
C ILE A 885 -25.14 -23.55 8.08
N SER A 886 -24.28 -22.55 7.85
CA SER A 886 -23.49 -22.42 6.63
C SER A 886 -24.33 -21.93 5.45
N VAL A 887 -25.36 -21.13 5.69
CA VAL A 887 -25.93 -20.32 4.63
C VAL A 887 -25.07 -19.08 4.36
N TYR A 888 -24.26 -18.70 5.36
CA TYR A 888 -23.33 -17.59 5.27
C TYR A 888 -21.90 -18.08 5.52
N ALA A 889 -20.94 -17.52 4.78
CA ALA A 889 -19.51 -17.76 4.95
C ALA A 889 -18.83 -16.42 5.14
N PHE A 890 -17.64 -16.41 5.76
CA PHE A 890 -16.95 -15.15 6.04
C PHE A 890 -15.45 -15.31 5.88
N ASN A 891 -14.79 -14.26 5.39
CA ASN A 891 -13.34 -14.11 5.41
C ASN A 891 -12.96 -12.92 6.28
N LYS A 892 -11.75 -12.97 6.84
CA LYS A 892 -11.24 -11.96 7.76
C LYS A 892 -9.89 -11.50 7.22
N SER A 893 -9.89 -10.42 6.44
CA SER A 893 -8.67 -9.82 5.93
C SER A 893 -8.08 -8.87 6.98
N TYR A 894 -6.75 -8.70 6.92
CA TYR A 894 -6.02 -7.85 7.85
C TYR A 894 -5.38 -6.71 7.06
N ASP A 895 -5.78 -5.46 7.33
CA ASP A 895 -5.21 -4.30 6.67
C ASP A 895 -4.35 -3.53 7.65
N TYR A 896 -3.02 -3.64 7.51
CA TYR A 896 -2.10 -2.96 8.41
C TYR A 896 -2.02 -1.46 8.12
N GLN A 897 -2.30 -1.04 6.89
CA GLN A 897 -2.29 0.37 6.51
C GLN A 897 -3.66 0.98 6.81
N SER A 898 -3.80 1.63 7.97
CA SER A 898 -5.04 2.24 8.40
C SER A 898 -4.74 3.31 9.44
N VAL A 899 -5.75 4.16 9.70
CA VAL A 899 -5.64 5.24 10.67
C VAL A 899 -6.59 4.91 11.83
N CYS A 900 -6.02 4.80 13.03
CA CYS A 900 -6.77 4.50 14.25
C CYS A 900 -6.43 5.52 15.33
N GLU A 901 -7.37 5.72 16.25
CA GLU A 901 -7.23 6.61 17.40
C GLU A 901 -8.11 6.08 18.54
N SER A 969 1.02 -0.26 12.15
CA SER A 969 0.62 0.45 13.40
C SER A 969 -0.78 -0.01 13.85
N CYS A 970 -1.80 0.27 13.03
CA CYS A 970 -3.18 -0.06 13.34
C CYS A 970 -3.60 -1.24 12.47
N ILE A 971 -4.09 -2.31 13.12
CA ILE A 971 -4.48 -3.53 12.43
C ILE A 971 -6.00 -3.62 12.44
N THR A 972 -6.58 -3.78 11.24
CA THR A 972 -8.03 -3.84 11.08
C THR A 972 -8.46 -5.23 10.65
N GLU A 973 -9.40 -5.82 11.39
CA GLU A 973 -9.98 -7.11 11.03
C GLU A 973 -11.22 -6.85 10.19
N GLN A 974 -11.08 -7.00 8.87
CA GLN A 974 -12.15 -6.70 7.93
C GLN A 974 -12.91 -7.98 7.62
N THR A 975 -14.15 -8.06 8.13
CA THR A 975 -14.99 -9.24 7.96
C THR A 975 -15.96 -9.03 6.81
N GLN A 976 -16.08 -10.02 5.92
CA GLN A 976 -16.97 -9.94 4.77
C GLN A 976 -17.78 -11.23 4.72
N TYR A 977 -19.11 -11.12 4.87
CA TYR A 977 -20.01 -12.25 4.79
C TYR A 977 -20.57 -12.35 3.38
N PHE A 978 -20.90 -13.58 2.99
CA PHE A 978 -21.34 -13.81 1.62
C PHE A 978 -22.07 -15.15 1.54
N PHE A 979 -22.81 -15.33 0.45
CA PHE A 979 -23.48 -16.59 0.16
C PHE A 979 -22.48 -17.60 -0.35
N ASP A 980 -22.50 -18.80 0.25
CA ASP A 980 -21.57 -19.87 -0.12
C ASP A 980 -22.29 -20.98 -0.88
N ASN A 981 -23.35 -21.53 -0.30
CA ASN A 981 -24.02 -22.67 -0.88
C ASN A 981 -25.01 -22.18 -1.94
N ASP A 982 -25.24 -23.01 -2.96
CA ASP A 982 -26.18 -22.73 -4.03
C ASP A 982 -27.55 -23.36 -3.70
N SER A 983 -28.07 -23.06 -2.51
CA SER A 983 -29.35 -23.55 -2.03
C SER A 983 -30.21 -22.36 -1.61
N LYS A 984 -31.53 -22.54 -1.72
CA LYS A 984 -32.49 -21.44 -1.59
C LYS A 984 -33.60 -21.76 -0.60
N SER A 985 -33.40 -22.72 0.31
CA SER A 985 -34.43 -23.19 1.23
C SER A 985 -33.76 -23.63 2.52
N PHE A 986 -34.01 -22.92 3.62
CA PHE A 986 -33.41 -23.22 4.92
C PHE A 986 -34.50 -23.23 5.98
N SER A 987 -34.51 -24.28 6.80
CA SER A 987 -35.47 -24.42 7.89
C SER A 987 -34.81 -25.15 9.04
N GLY A 988 -35.40 -24.98 10.22
CA GLY A 988 -34.91 -25.60 11.42
C GLY A 988 -35.37 -24.87 12.67
N VAL A 989 -34.90 -25.32 13.82
CA VAL A 989 -35.24 -24.76 15.11
C VAL A 989 -33.94 -24.46 15.84
N LEU A 990 -33.81 -23.22 16.33
CA LEU A 990 -32.63 -22.78 17.07
C LEU A 990 -33.01 -22.69 18.55
N ASP A 991 -32.10 -23.16 19.40
CA ASP A 991 -32.36 -23.34 20.83
C ASP A 991 -31.36 -22.52 21.63
N CYS A 992 -31.86 -21.76 22.63
CA CYS A 992 -31.02 -21.04 23.57
C CYS A 992 -31.15 -21.58 25.00
N GLY A 993 -31.76 -22.77 25.17
CA GLY A 993 -31.89 -23.42 26.47
C GLY A 993 -33.34 -23.74 26.81
N ASN A 994 -33.91 -23.01 27.79
CA ASN A 994 -35.24 -23.29 28.29
C ASN A 994 -36.31 -23.18 27.18
N CYS A 995 -36.20 -22.17 26.32
CA CYS A 995 -37.16 -21.94 25.24
C CYS A 995 -36.55 -22.32 23.89
N SER A 996 -37.38 -22.24 22.84
CA SER A 996 -37.01 -22.57 21.48
C SER A 996 -37.67 -21.61 20.50
N ARG A 997 -37.10 -21.50 19.29
CA ARG A 997 -37.61 -20.63 18.23
C ARG A 997 -37.54 -21.35 16.90
N ILE A 998 -38.52 -21.10 16.04
CA ILE A 998 -38.65 -21.76 14.74
C ILE A 998 -38.45 -20.70 13.67
N PHE A 999 -37.55 -20.98 12.72
CA PHE A 999 -37.24 -20.05 11.65
C PHE A 999 -37.34 -20.76 10.30
N HIS A 1000 -37.51 -19.96 9.25
CA HIS A 1000 -37.50 -20.45 7.88
C HIS A 1000 -37.10 -19.30 6.96
N GLY A 1001 -35.89 -19.41 6.39
CA GLY A 1001 -35.35 -18.42 5.46
C GLY A 1001 -35.49 -18.90 4.03
N GLU A 1002 -35.71 -17.98 3.09
CA GLU A 1002 -35.69 -18.31 1.67
C GLU A 1002 -35.10 -17.13 0.88
N LYS A 1003 -34.07 -17.42 0.09
CA LYS A 1003 -33.41 -16.43 -0.72
C LYS A 1003 -34.35 -15.99 -1.86
N LEU A 1004 -34.33 -14.68 -2.15
CA LEU A 1004 -35.03 -14.17 -3.31
C LEU A 1004 -34.20 -14.44 -4.56
N MET A 1005 -34.84 -14.99 -5.60
CA MET A 1005 -34.15 -15.29 -6.85
C MET A 1005 -33.78 -14.00 -7.58
N ASN A 1006 -32.71 -14.09 -8.38
CA ASN A 1006 -32.20 -12.99 -9.19
C ASN A 1006 -31.80 -11.76 -8.38
N THR A 1007 -31.62 -11.91 -7.07
CA THR A 1007 -31.15 -10.85 -6.21
C THR A 1007 -30.20 -11.44 -5.18
N ASN A 1008 -29.50 -10.56 -4.47
CA ASN A 1008 -28.67 -10.95 -3.35
C ASN A 1008 -29.43 -10.87 -2.02
N LEU A 1009 -30.77 -10.85 -2.05
CA LEU A 1009 -31.59 -10.69 -0.86
C LEU A 1009 -32.04 -12.04 -0.33
N ILE A 1010 -32.22 -12.10 1.00
CA ILE A 1010 -32.77 -13.27 1.66
C ILE A 1010 -33.87 -12.83 2.62
N PHE A 1011 -34.98 -13.56 2.63
CA PHE A 1011 -36.09 -13.31 3.53
C PHE A 1011 -36.02 -14.33 4.66
N ILE A 1012 -36.03 -13.84 5.90
CA ILE A 1012 -35.94 -14.69 7.07
C ILE A 1012 -37.15 -14.42 7.95
N MET A 1013 -37.89 -15.48 8.31
CA MET A 1013 -38.98 -15.42 9.27
C MET A 1013 -38.55 -16.15 10.55
N VAL A 1014 -38.80 -15.53 11.70
CA VAL A 1014 -38.45 -16.09 12.99
C VAL A 1014 -39.39 -15.50 14.04
N GLU A 1015 -39.65 -16.25 15.10
CA GLU A 1015 -40.44 -15.76 16.22
C GLU A 1015 -39.66 -14.68 16.96
N SER A 1016 -40.40 -13.76 17.58
CA SER A 1016 -39.81 -12.59 18.21
C SER A 1016 -38.93 -12.99 19.40
N LYS A 1017 -38.01 -12.11 19.75
CA LYS A 1017 -37.06 -12.35 20.84
C LYS A 1017 -37.64 -12.02 22.22
N GLY A 1018 -38.86 -11.48 22.29
CA GLY A 1018 -39.59 -11.34 23.55
C GLY A 1018 -39.80 -12.66 24.28
N THR A 1019 -40.12 -13.70 23.53
CA THR A 1019 -40.32 -15.03 24.09
C THR A 1019 -38.99 -15.68 24.50
N CYS A 1020 -37.90 -15.37 23.77
CA CYS A 1020 -36.60 -16.00 24.00
C CYS A 1020 -35.54 -14.93 24.15
N PRO A 1021 -35.28 -14.46 25.40
CA PRO A 1021 -34.14 -13.58 25.63
C PRO A 1021 -32.81 -14.32 25.44
N CYS A 1022 -32.10 -13.97 24.36
CA CYS A 1022 -30.89 -14.69 23.98
C CYS A 1022 -29.94 -13.74 23.25
N ASP A 1023 -28.89 -13.30 23.96
CA ASP A 1023 -27.78 -12.57 23.38
C ASP A 1023 -26.49 -13.10 24.00
N THR A 1024 -25.90 -14.10 23.34
CA THR A 1024 -24.64 -14.67 23.78
C THR A 1024 -23.52 -13.62 23.65
N ARG A 1025 -23.23 -13.19 22.42
CA ARG A 1025 -22.26 -12.15 22.14
C ARG A 1025 -22.71 -11.39 20.90
N LEU A 1026 -22.30 -10.12 20.80
CA LEU A 1026 -22.78 -9.24 19.74
C LEU A 1026 -21.91 -9.38 18.50
N LEU A 1027 -22.56 -9.63 17.36
CA LEU A 1027 -21.87 -9.64 16.07
C LEU A 1027 -21.69 -8.19 15.61
N ILE A 1028 -20.43 -7.81 15.42
CA ILE A 1028 -20.07 -6.48 14.92
C ILE A 1028 -19.19 -6.67 13.70
N GLN A 1029 -19.48 -5.86 12.66
CA GLN A 1029 -18.83 -5.96 11.37
C GLN A 1029 -18.27 -4.58 11.01
N ALA A 1030 -16.99 -4.38 11.28
CA ALA A 1030 -16.34 -3.08 11.12
C ALA A 1030 -14.82 -3.27 11.04
N GLU A 1031 -14.08 -2.17 10.87
CA GLU A 1031 -12.63 -2.18 11.00
C GLU A 1031 -12.28 -2.41 12.47
N GLN A 1032 -12.12 -3.69 12.84
CA GLN A 1032 -11.88 -4.06 14.22
C GLN A 1032 -10.50 -3.59 14.66
N THR A 1033 -10.39 -3.20 15.94
CA THR A 1033 -9.10 -2.99 16.58
C THR A 1033 -8.61 -4.31 17.15
N SER A 1034 -7.61 -4.90 16.51
CA SER A 1034 -7.15 -6.25 16.85
C SER A 1034 -5.65 -6.35 16.61
N ASP A 1035 -5.08 -7.49 16.98
CA ASP A 1035 -3.68 -7.83 16.76
C ASP A 1035 -3.61 -9.26 16.26
N GLY A 1036 -3.61 -9.42 14.93
CA GLY A 1036 -3.60 -10.73 14.32
C GLY A 1036 -3.06 -10.70 12.89
N PRO A 1037 -2.55 -11.84 12.36
CA PRO A 1037 -2.35 -13.11 13.08
C PRO A 1037 -1.21 -13.08 14.09
N ASN A 1038 -0.94 -14.23 14.73
CA ASN A 1038 0.10 -14.32 15.72
C ASN A 1038 1.46 -14.38 15.02
N PRO A 1039 2.40 -13.44 15.27
CA PRO A 1039 3.69 -13.46 14.59
C PRO A 1039 4.61 -14.62 15.00
N CYS A 1040 4.37 -15.21 16.17
CA CYS A 1040 5.17 -16.35 16.61
C CYS A 1040 4.98 -17.57 15.72
N ASP A 1041 3.77 -17.76 15.17
CA ASP A 1041 3.43 -18.99 14.49
C ASP A 1041 3.64 -18.93 12.97
N MET A 1042 3.61 -17.73 12.38
CA MET A 1042 3.70 -17.60 10.93
C MET A 1042 5.15 -17.59 10.44
N VAL A 1043 6.14 -17.47 11.31
CA VAL A 1043 7.55 -17.59 10.92
C VAL A 1043 7.97 -19.05 10.76
N LYS A 1044 7.23 -20.00 11.35
CA LYS A 1044 7.54 -21.41 11.16
C LYS A 1044 7.34 -21.84 9.71
N GLN A 1045 6.33 -21.27 9.04
CA GLN A 1045 6.07 -21.52 7.63
C GLN A 1045 5.97 -20.18 6.91
N PRO A 1046 7.10 -19.49 6.71
CA PRO A 1046 7.08 -18.16 6.10
C PRO A 1046 6.83 -18.22 4.61
N ARG A 1047 6.39 -17.08 4.08
CA ARG A 1047 6.11 -16.96 2.65
C ARG A 1047 7.43 -17.07 1.88
N TYR A 1048 7.35 -17.67 0.68
CA TYR A 1048 8.55 -17.93 -0.09
C TYR A 1048 9.17 -16.60 -0.54
N ARG A 1049 10.50 -16.54 -0.47
CA ARG A 1049 11.23 -15.31 -0.74
C ARG A 1049 12.56 -15.64 -1.40
N LYS A 1050 12.96 -14.77 -2.34
CA LYS A 1050 14.25 -14.83 -3.02
C LYS A 1050 15.09 -13.64 -2.63
N GLY A 1051 16.41 -13.85 -2.59
CA GLY A 1051 17.37 -12.86 -2.14
C GLY A 1051 18.38 -12.49 -3.21
N PRO A 1052 19.10 -11.36 -3.04
CA PRO A 1052 20.08 -10.95 -4.06
C PRO A 1052 21.24 -11.95 -4.14
N ASP A 1053 21.71 -12.19 -5.35
CA ASP A 1053 22.84 -13.09 -5.59
C ASP A 1053 24.18 -12.41 -5.32
N VAL A 1054 24.21 -11.08 -5.21
CA VAL A 1054 25.42 -10.32 -5.04
C VAL A 1054 25.51 -9.84 -3.59
N CYS A 1055 26.51 -10.35 -2.86
CA CYS A 1055 26.84 -9.89 -1.53
C CYS A 1055 28.36 -9.82 -1.38
N PHE A 1056 28.82 -8.83 -0.62
CA PHE A 1056 30.24 -8.55 -0.44
C PHE A 1056 30.57 -8.67 1.04
N ASP A 1057 31.13 -9.82 1.43
CA ASP A 1057 31.64 -10.06 2.78
C ASP A 1057 32.92 -10.88 2.67
N ASN A 1058 33.73 -10.81 3.72
CA ASN A 1058 34.99 -11.55 3.82
C ASN A 1058 35.93 -11.24 2.66
N ASN A 1059 36.33 -9.97 2.58
CA ASN A 1059 37.34 -9.52 1.62
C ASN A 1059 38.72 -10.03 2.06
N VAL A 1060 39.55 -10.36 1.07
CA VAL A 1060 40.82 -11.03 1.33
C VAL A 1060 41.83 -10.12 2.02
N LEU A 1061 41.81 -8.81 1.70
CA LEU A 1061 42.89 -7.92 2.12
C LEU A 1061 42.37 -6.67 2.85
N GLU A 1062 41.42 -6.87 3.75
CA GLU A 1062 40.91 -5.79 4.57
C GLU A 1062 41.99 -5.36 5.58
N ASP A 1063 41.99 -4.08 5.94
CA ASP A 1063 42.98 -3.55 6.87
C ASP A 1063 42.62 -3.87 8.32
N TYR A 1064 41.46 -3.35 8.78
CA TYR A 1064 40.95 -3.55 10.14
C TYR A 1064 42.01 -3.38 11.25
N THR A 1065 43.05 -2.58 11.00
CA THR A 1065 44.14 -2.43 11.96
C THR A 1065 43.71 -1.61 13.18
N ASP A 1066 42.81 -0.64 12.98
CA ASP A 1066 42.30 0.20 14.04
C ASP A 1066 41.47 -0.62 15.02
N CYS A 1067 41.76 -0.45 16.33
CA CYS A 1067 41.12 -1.18 17.40
C CYS A 1067 40.39 -0.16 18.28
#